data_5U6E
#
_entry.id   5U6E
#
_cell.length_a   65.181
_cell.length_b   68.743
_cell.length_c   94.749
_cell.angle_alpha   90.00
_cell.angle_beta   91.26
_cell.angle_gamma   90.00
#
_symmetry.space_group_name_H-M   'P 1 21 1'
#
loop_
_entity.id
_entity.type
_entity.pdbx_description
1 polymer 'clade A/E 93TH057 HIV-1 gp120 core'
2 non-polymer 2-acetamido-2-deoxy-beta-D-glucopyranose
3 non-polymer N-{(1S)-2-amino-1-[5-(hydroxymethyl)-4-methyl-1,3-thiazol-2-yl]ethyl}-5-(4-chloro-3-fluorophenyl)-1H-pyrrole-2-carboxamide
4 non-polymer '4-(2-HYDROXYETHYL)-1-PIPERAZINE ETHANESULFONIC ACID'
5 water water
#
_entity_poly.entity_id   1
_entity_poly.type   'polypeptide(L)'
_entity_poly.pdbx_seq_one_letter_code
;VWKDADTTLFCASDAKAHETEVHNVWATHACVPTDPNPQEIHLENVTENFNMWKNNMVEQMQEDVISLWDQSLQPCVKLT
GGSVIKQACPKISFDPIPIHYCTPAGYVILKCNDKNFNGTGPCKNVSSVQCTHGIKPVVSTQLLLNGSLAEEEIIIRSEN
LTNNAKTIIVHLNKSVEINCTRPSNGGSGSGGDIRKAYCEINGTKWNKVLKQVTEKLKEHFNNKTIIFQPPSGGDLEITM
HSFNCRGEFFYCNTTQLFNNTCIGNETMKGCNGTITLPCKIKQIINMWQGTGQAMYAPPIDGKINCVSNITGILLTRDGG
ANNTSNETFRPGGGNIKDNWRSELYKYKVVQIE
;
_entity_poly.pdbx_strand_id   A,B
#
# COMPACT_ATOMS: atom_id res chain seq x y z
N VAL A 1 21.59 32.15 -6.93
CA VAL A 1 22.01 30.81 -6.54
C VAL A 1 21.87 30.65 -5.02
N TRP A 2 21.66 29.41 -4.56
CA TRP A 2 21.38 29.18 -3.15
C TRP A 2 21.85 27.79 -2.75
N LYS A 3 21.78 27.52 -1.45
CA LYS A 3 22.18 26.24 -0.89
C LYS A 3 21.38 25.98 0.38
N ASP A 4 21.12 24.70 0.66
CA ASP A 4 20.50 24.31 1.91
C ASP A 4 21.23 24.92 3.09
N ALA A 5 20.46 25.42 4.06
CA ALA A 5 21.05 26.09 5.21
C ALA A 5 20.01 26.18 6.32
N ASP A 6 20.49 26.41 7.54
CA ASP A 6 19.64 26.63 8.70
C ASP A 6 19.92 28.02 9.26
N THR A 7 18.87 28.68 9.74
CA THR A 7 19.05 29.95 10.45
C THR A 7 17.87 30.14 11.38
N THR A 8 17.99 31.10 12.28
CA THR A 8 16.89 31.38 13.20
C THR A 8 15.73 32.00 12.44
N LEU A 9 14.59 31.34 12.46
CA LEU A 9 13.37 31.89 11.89
C LEU A 9 12.76 32.90 12.87
N PHE A 10 11.84 33.70 12.36
CA PHE A 10 10.95 34.47 13.23
C PHE A 10 9.52 34.11 12.86
N CYS A 11 8.58 34.51 13.71
CA CYS A 11 7.18 34.15 13.53
C CYS A 11 6.35 35.39 13.27
N ALA A 12 5.27 35.20 12.53
CA ALA A 12 4.28 36.23 12.30
C ALA A 12 2.90 35.64 12.57
N SER A 13 1.97 36.50 12.99
CA SER A 13 0.62 36.05 13.31
C SER A 13 -0.32 37.24 13.33
N ASP A 14 -1.62 36.94 13.51
CA ASP A 14 -2.66 37.93 13.60
C ASP A 14 -3.19 38.05 15.04
N ALA A 15 -2.35 37.73 16.01
CA ALA A 15 -2.74 37.83 17.42
C ALA A 15 -3.30 39.21 17.76
N LYS A 16 -4.13 39.25 18.79
CA LYS A 16 -4.76 40.48 19.25
C LYS A 16 -4.17 40.87 20.61
N ALA A 17 -3.70 42.12 20.71
CA ALA A 17 -3.03 42.58 21.92
C ALA A 17 -3.95 42.63 23.13
N HIS A 18 -5.28 42.60 22.92
CA HIS A 18 -6.22 42.72 24.04
C HIS A 18 -6.78 41.38 24.49
N GLU A 19 -6.57 40.31 23.73
CA GLU A 19 -7.07 38.99 24.14
C GLU A 19 -6.28 38.45 25.33
N THR A 20 -6.99 37.80 26.24
CA THR A 20 -6.36 37.04 27.31
C THR A 20 -6.05 35.60 26.91
N GLU A 21 -6.51 35.15 25.74
CA GLU A 21 -6.18 33.82 25.26
C GLU A 21 -4.67 33.68 25.09
N VAL A 22 -4.13 32.55 25.56
CA VAL A 22 -2.70 32.44 25.82
C VAL A 22 -1.88 32.41 24.53
N HIS A 23 -2.40 31.76 23.48
CA HIS A 23 -1.70 31.82 22.19
C HIS A 23 -1.61 33.27 21.70
N ASN A 24 -2.69 34.04 21.86
CA ASN A 24 -2.65 35.47 21.53
C ASN A 24 -1.62 36.22 22.36
N VAL A 25 -1.62 35.99 23.67
CA VAL A 25 -0.63 36.64 24.52
C VAL A 25 0.77 36.31 24.07
N TRP A 26 1.03 35.01 23.83
CA TRP A 26 2.38 34.59 23.46
C TRP A 26 2.83 35.25 22.17
N ALA A 27 1.97 35.24 21.15
CA ALA A 27 2.37 35.74 19.85
C ALA A 27 2.45 37.26 19.81
N THR A 28 1.77 37.94 20.75
CA THR A 28 1.88 39.39 20.86
C THR A 28 3.29 39.81 21.26
N HIS A 29 3.94 39.02 22.11
CA HIS A 29 5.28 39.35 22.59
C HIS A 29 6.40 38.63 21.82
N ALA A 30 6.08 37.62 21.01
CA ALA A 30 7.09 36.82 20.33
C ALA A 30 7.01 36.83 18.80
N CYS A 31 5.95 37.34 18.20
CA CYS A 31 5.81 37.37 16.75
C CYS A 31 5.54 38.79 16.28
N VAL A 32 5.64 38.99 14.97
CA VAL A 32 5.31 40.27 14.34
C VAL A 32 4.01 40.11 13.57
N PRO A 33 3.45 41.19 13.02
CA PRO A 33 2.22 41.07 12.23
C PRO A 33 2.47 40.37 10.90
N THR A 34 1.42 39.76 10.38
CA THR A 34 1.51 39.11 9.09
C THR A 34 1.57 40.13 7.97
N ASP A 35 2.12 39.70 6.83
CA ASP A 35 2.18 40.52 5.63
C ASP A 35 0.86 40.39 4.87
N PRO A 36 0.12 41.48 4.65
CA PRO A 36 -1.18 41.35 3.97
C PRO A 36 -1.06 40.93 2.51
N ASN A 37 0.03 41.27 1.83
CA ASN A 37 0.26 40.88 0.44
C ASN A 37 1.61 40.18 0.31
N PRO A 38 1.69 38.94 0.77
CA PRO A 38 2.96 38.21 0.68
C PRO A 38 3.35 37.90 -0.75
N GLN A 39 4.64 37.70 -0.96
CA GLN A 39 5.18 37.39 -2.27
C GLN A 39 5.50 35.91 -2.40
N GLU A 40 5.14 35.34 -3.55
CA GLU A 40 5.54 33.99 -3.91
C GLU A 40 6.07 34.03 -5.33
N ILE A 41 7.22 33.42 -5.55
CA ILE A 41 7.85 33.34 -6.86
C ILE A 41 7.93 31.86 -7.24
N HIS A 42 7.32 31.52 -8.36
CA HIS A 42 7.35 30.15 -8.87
C HIS A 42 8.58 29.99 -9.76
N LEU A 43 9.42 29.02 -9.43
CA LEU A 43 10.70 28.82 -10.11
C LEU A 43 10.53 27.80 -11.22
N GLU A 44 10.71 28.24 -12.46
CA GLU A 44 10.57 27.36 -13.61
C GLU A 44 11.84 26.55 -13.83
N ASN A 45 11.66 25.28 -14.18
CA ASN A 45 12.76 24.36 -14.50
C ASN A 45 13.72 24.17 -13.32
N VAL A 46 13.24 24.35 -12.09
CA VAL A 46 14.04 24.14 -10.89
C VAL A 46 13.55 22.87 -10.20
N THR A 47 14.47 21.95 -9.95
CA THR A 47 14.21 20.74 -9.18
C THR A 47 14.99 20.79 -7.88
N GLU A 48 14.30 20.65 -6.76
CA GLU A 48 14.93 20.70 -5.44
C GLU A 48 14.59 19.43 -4.67
N ASN A 49 15.56 18.95 -3.91
CA ASN A 49 15.36 17.81 -3.04
C ASN A 49 14.92 18.29 -1.67
N PHE A 50 13.93 17.60 -1.11
CA PHE A 50 13.38 17.91 0.21
C PHE A 50 13.54 16.70 1.12
N ASN A 51 13.58 16.94 2.42
CA ASN A 51 13.53 15.83 3.37
C ASN A 51 12.79 16.30 4.62
N MET A 52 11.47 16.05 4.64
CA MET A 52 10.66 16.47 5.78
C MET A 52 11.14 15.87 7.09
N TRP A 53 11.83 14.73 7.06
CA TRP A 53 12.22 14.03 8.28
C TRP A 53 13.51 14.56 8.89
N LYS A 54 14.21 15.46 8.19
CA LYS A 54 15.41 16.12 8.72
C LYS A 54 15.29 17.58 8.28
N ASN A 55 14.46 18.33 9.00
CA ASN A 55 14.13 19.71 8.64
C ASN A 55 14.19 20.55 9.91
N ASN A 56 15.19 21.43 9.99
CA ASN A 56 15.38 22.20 11.22
C ASN A 56 14.19 23.11 11.53
N MET A 57 13.33 23.39 10.55
CA MET A 57 12.14 24.17 10.87
C MET A 57 11.27 23.46 11.90
N VAL A 58 11.24 22.12 11.86
CA VAL A 58 10.44 21.35 12.81
C VAL A 58 10.96 21.55 14.24
N GLU A 59 12.29 21.51 14.43
CA GLU A 59 12.85 21.72 15.75
C GLU A 59 12.57 23.14 16.26
N GLN A 60 12.53 24.13 15.37
CA GLN A 60 12.28 25.49 15.83
C GLN A 60 10.83 25.69 16.22
N MET A 61 9.90 25.07 15.49
CA MET A 61 8.50 25.14 15.91
C MET A 61 8.29 24.42 17.24
N GLN A 62 8.93 23.27 17.42
CA GLN A 62 8.87 22.59 18.71
C GLN A 62 9.28 23.50 19.86
N GLU A 63 10.37 24.25 19.69
CA GLU A 63 10.86 25.13 20.74
C GLU A 63 9.90 26.27 21.01
N ASP A 64 9.29 26.82 19.97
CA ASP A 64 8.24 27.82 20.17
C ASP A 64 7.09 27.25 21.00
N VAL A 65 6.59 26.07 20.62
CA VAL A 65 5.40 25.53 21.26
C VAL A 65 5.71 25.11 22.70
N ILE A 66 6.88 24.52 22.94
CA ILE A 66 7.29 24.26 24.32
C ILE A 66 7.34 25.56 25.10
N SER A 67 7.86 26.61 24.49
CA SER A 67 7.90 27.92 25.13
C SER A 67 6.50 28.41 25.46
N LEU A 68 5.57 28.29 24.53
CA LEU A 68 4.21 28.81 24.75
C LEU A 68 3.52 28.07 25.88
N TRP A 69 3.63 26.74 25.91
CA TRP A 69 3.00 25.96 26.97
C TRP A 69 3.64 26.25 28.32
N ASP A 70 4.96 26.42 28.35
CA ASP A 70 5.63 26.70 29.62
C ASP A 70 5.16 28.01 30.24
N GLN A 71 4.82 28.99 29.40
CA GLN A 71 4.34 30.28 29.90
C GLN A 71 2.84 30.32 30.12
N SER A 72 2.09 29.39 29.53
CA SER A 72 0.63 29.44 29.48
C SER A 72 -0.06 28.41 30.35
N LEU A 73 0.35 27.15 30.26
CA LEU A 73 -0.37 26.06 30.89
C LEU A 73 0.51 25.50 32.01
N GLN A 74 0.43 26.12 33.17
CA GLN A 74 1.23 25.63 34.28
C GLN A 74 0.42 24.66 35.11
N PRO A 75 0.94 23.47 35.40
CA PRO A 75 0.29 22.56 36.34
C PRO A 75 0.49 23.03 37.78
N CYS A 76 -0.28 22.42 38.68
CA CYS A 76 -0.13 22.71 40.11
C CYS A 76 1.14 22.07 40.66
N VAL A 77 1.28 20.77 40.45
CA VAL A 77 2.47 20.01 40.86
C VAL A 77 3.21 19.59 39.60
N LYS A 78 4.53 19.71 39.63
CA LYS A 78 5.38 19.31 38.53
C LYS A 78 6.39 18.29 39.04
N LEU A 79 6.32 17.07 38.52
CA LEU A 79 7.20 15.97 38.94
C LEU A 79 8.31 15.88 37.90
N THR A 80 9.37 16.67 38.10
CA THR A 80 10.46 16.78 37.14
C THR A 80 11.76 16.40 37.82
N GLY A 81 12.31 15.25 37.43
CA GLY A 81 13.63 14.83 37.88
C GLY A 81 13.87 14.84 39.37
N GLY A 82 13.04 14.11 40.12
CA GLY A 82 13.26 13.92 41.54
C GLY A 82 12.80 15.04 42.44
N SER A 83 12.53 16.22 41.90
CA SER A 83 12.12 17.37 42.68
C SER A 83 10.64 17.67 42.47
N VAL A 84 10.00 18.18 43.53
CA VAL A 84 8.60 18.59 43.47
C VAL A 84 8.55 20.11 43.28
N ILE A 85 7.57 20.57 42.51
CA ILE A 85 7.34 21.99 42.28
C ILE A 85 5.84 22.23 42.35
N LYS A 86 5.39 22.94 43.38
CA LYS A 86 3.98 23.28 43.57
C LYS A 86 3.82 24.78 43.33
N GLN A 87 3.00 25.14 42.35
CA GLN A 87 2.79 26.55 42.02
C GLN A 87 1.30 26.78 41.79
N ALA A 88 0.97 27.97 41.28
CA ALA A 88 -0.39 28.30 40.94
C ALA A 88 -0.76 27.72 39.59
N CYS A 89 -1.95 27.12 39.51
CA CYS A 89 -2.46 26.50 38.29
C CYS A 89 -3.80 27.13 37.95
N PRO A 90 -3.81 28.42 37.60
CA PRO A 90 -5.08 29.08 37.28
C PRO A 90 -5.64 28.57 35.96
N LYS A 91 -6.96 28.63 35.86
CA LYS A 91 -7.63 28.32 34.61
C LYS A 91 -7.37 29.43 33.59
N ILE A 92 -7.30 29.05 32.31
CA ILE A 92 -6.87 29.97 31.27
C ILE A 92 -7.85 29.91 30.09
N SER A 93 -7.71 30.88 29.20
CA SER A 93 -8.38 30.89 27.91
C SER A 93 -7.42 30.33 26.87
N PHE A 94 -7.85 29.30 26.17
CA PHE A 94 -6.97 28.46 25.35
C PHE A 94 -7.68 28.09 24.07
N ASP A 95 -7.08 28.46 22.93
CA ASP A 95 -7.58 28.10 21.60
C ASP A 95 -6.52 28.45 20.55
N PRO A 96 -5.84 27.45 19.98
CA PRO A 96 -4.68 27.73 19.11
C PRO A 96 -4.99 28.68 17.97
N ILE A 97 -4.02 29.53 17.63
CA ILE A 97 -4.13 30.40 16.47
C ILE A 97 -3.01 30.07 15.49
N PRO A 98 -3.18 30.39 14.21
CA PRO A 98 -2.15 30.09 13.21
C PRO A 98 -0.89 30.92 13.41
N ILE A 99 0.25 30.26 13.28
CA ILE A 99 1.57 30.87 13.42
C ILE A 99 2.32 30.68 12.10
N HIS A 100 2.87 31.77 11.56
CA HIS A 100 3.66 31.73 10.34
C HIS A 100 5.15 31.74 10.68
N TYR A 101 5.92 30.92 9.96
CA TYR A 101 7.36 30.85 10.16
C TYR A 101 8.08 31.49 8.98
N CYS A 102 9.01 32.39 9.30
CA CYS A 102 9.55 33.35 8.34
C CYS A 102 11.07 33.38 8.46
N THR A 103 11.78 33.59 7.26
CA THR A 103 13.23 33.70 7.12
C THR A 103 13.67 35.17 7.20
N PRO A 104 14.87 35.41 7.71
CA PRO A 104 15.42 36.76 7.73
C PRO A 104 16.10 37.04 6.39
N ALA A 105 16.73 38.21 6.32
CA ALA A 105 17.40 38.62 5.08
C ALA A 105 18.54 37.67 4.74
N GLY A 106 18.73 37.44 3.45
CA GLY A 106 19.75 36.53 2.98
C GLY A 106 19.30 35.09 2.87
N TYR A 107 18.09 34.79 3.31
CA TYR A 107 17.51 33.46 3.26
C TYR A 107 16.11 33.56 2.67
N VAL A 108 15.62 32.41 2.20
CA VAL A 108 14.25 32.30 1.71
C VAL A 108 13.78 30.89 2.02
N ILE A 109 12.46 30.70 1.99
CA ILE A 109 11.87 29.38 2.15
C ILE A 109 11.47 28.89 0.78
N LEU A 110 11.93 27.70 0.42
CA LEU A 110 11.46 27.05 -0.80
C LEU A 110 10.28 26.16 -0.45
N LYS A 111 9.25 26.19 -1.28
CA LYS A 111 8.00 25.49 -1.03
C LYS A 111 7.75 24.51 -2.17
N CYS A 112 7.54 23.24 -1.83
CA CYS A 112 7.22 22.23 -2.84
C CYS A 112 5.73 22.27 -3.15
N ASN A 113 5.39 22.40 -4.43
CA ASN A 113 4.01 22.47 -4.87
C ASN A 113 3.57 21.22 -5.64
N ASP A 114 4.37 20.16 -5.64
CA ASP A 114 3.95 18.92 -6.29
C ASP A 114 2.72 18.35 -5.59
N LYS A 115 1.70 18.03 -6.38
CA LYS A 115 0.37 17.75 -5.82
C LYS A 115 0.33 16.49 -4.97
N ASN A 116 1.17 15.51 -5.26
CA ASN A 116 1.20 14.29 -4.46
C ASN A 116 2.59 14.07 -3.85
N PHE A 117 3.26 15.16 -3.53
CA PHE A 117 4.56 15.12 -2.85
C PHE A 117 4.44 14.37 -1.52
N ASN A 118 5.38 13.45 -1.28
CA ASN A 118 5.34 12.67 -0.05
C ASN A 118 6.28 13.21 1.04
N GLY A 119 6.98 14.30 0.79
CA GLY A 119 7.83 14.93 1.79
C GLY A 119 9.30 14.61 1.67
N THR A 120 9.68 13.70 0.77
CA THR A 120 11.06 13.29 0.58
C THR A 120 11.37 13.21 -0.91
N GLY A 121 12.58 13.63 -1.27
CA GLY A 121 13.05 13.48 -2.62
C GLY A 121 12.94 14.76 -3.43
N PRO A 122 13.03 14.61 -4.75
CA PRO A 122 12.97 15.79 -5.62
C PRO A 122 11.55 16.29 -5.82
N CYS A 123 11.45 17.59 -6.06
CA CYS A 123 10.19 18.28 -6.29
C CYS A 123 10.35 19.12 -7.54
N LYS A 124 9.36 19.05 -8.43
CA LYS A 124 9.47 19.69 -9.74
C LYS A 124 8.91 21.10 -9.76
N ASN A 125 7.87 21.37 -9.00
CA ASN A 125 7.18 22.66 -9.00
C ASN A 125 7.49 23.34 -7.67
N VAL A 126 8.53 24.17 -7.67
CA VAL A 126 9.05 24.83 -6.48
C VAL A 126 8.74 26.31 -6.56
N SER A 127 8.44 26.91 -5.41
CA SER A 127 8.30 28.36 -5.33
C SER A 127 9.13 28.85 -4.15
N SER A 128 9.41 30.15 -4.14
CA SER A 128 10.10 30.78 -3.02
C SER A 128 9.13 31.72 -2.32
N VAL A 129 9.08 31.61 -0.99
CA VAL A 129 8.21 32.44 -0.16
C VAL A 129 9.03 32.98 1.02
N GLN A 130 8.51 34.03 1.63
CA GLN A 130 9.14 34.57 2.84
C GLN A 130 8.65 33.88 4.10
N CYS A 131 7.41 33.39 4.11
CA CYS A 131 6.81 32.80 5.28
C CYS A 131 6.00 31.59 4.87
N THR A 132 5.89 30.62 5.79
CA THR A 132 4.96 29.52 5.59
C THR A 132 3.52 30.01 5.71
N HIS A 133 2.58 29.14 5.37
CA HIS A 133 1.19 29.38 5.74
C HIS A 133 1.06 29.34 7.28
N GLY A 134 -0.12 29.75 7.76
CA GLY A 134 -0.36 29.78 9.19
C GLY A 134 -0.63 28.40 9.74
N ILE A 135 0.15 27.99 10.74
CA ILE A 135 0.07 26.64 11.30
C ILE A 135 -0.41 26.75 12.73
N LYS A 136 -1.53 26.09 13.03
CA LYS A 136 -1.99 26.03 14.41
C LYS A 136 -1.18 25.01 15.17
N PRO A 137 -0.62 25.35 16.33
CA PRO A 137 0.19 24.37 17.10
C PRO A 137 -0.67 23.43 17.93
N VAL A 138 -1.37 22.51 17.26
CA VAL A 138 -2.31 21.60 17.91
C VAL A 138 -1.57 20.36 18.40
N VAL A 139 -1.49 20.19 19.72
CA VAL A 139 -0.85 19.02 20.33
C VAL A 139 -1.88 17.90 20.49
N SER A 140 -1.59 16.74 19.91
CA SER A 140 -2.49 15.60 19.99
C SER A 140 -1.71 14.33 19.67
N THR A 141 -2.31 13.19 20.01
CA THR A 141 -1.84 11.88 19.58
C THR A 141 -2.91 11.21 18.73
N GLN A 142 -2.48 10.22 17.94
CA GLN A 142 -3.37 9.35 17.17
C GLN A 142 -4.00 10.05 15.99
N LEU A 143 -4.75 11.12 16.24
CA LEU A 143 -5.41 11.88 15.19
C LEU A 143 -4.81 13.28 15.11
N LEU A 144 -4.56 13.74 13.90
CA LEU A 144 -4.14 15.11 13.66
C LEU A 144 -5.38 15.98 13.44
N LEU A 145 -5.46 17.09 14.17
CA LEU A 145 -6.66 17.94 14.22
C LEU A 145 -6.39 19.33 13.64
N ASN A 146 -7.35 19.84 12.88
CA ASN A 146 -7.36 21.23 12.47
C ASN A 146 -6.16 21.60 11.59
N GLY A 147 -5.56 20.65 10.90
CA GLY A 147 -4.46 20.93 10.00
C GLY A 147 -4.93 21.21 8.59
N SER A 148 -3.99 21.14 7.66
CA SER A 148 -4.30 21.32 6.24
C SER A 148 -4.59 19.96 5.61
N LEU A 149 -5.37 19.98 4.54
CA LEU A 149 -5.71 18.77 3.80
C LEU A 149 -4.82 18.62 2.57
N ALA A 150 -4.48 17.38 2.25
CA ALA A 150 -3.84 17.10 0.96
C ALA A 150 -4.78 17.50 -0.17
N GLU A 151 -4.20 18.02 -1.26
CA GLU A 151 -5.03 18.63 -2.30
C GLU A 151 -5.59 17.62 -3.30
N GLU A 152 -4.92 16.48 -3.51
CA GLU A 152 -5.36 15.53 -4.52
C GLU A 152 -5.64 14.21 -3.82
N GLU A 153 -4.72 13.24 -3.87
CA GLU A 153 -4.94 11.95 -3.23
C GLU A 153 -4.43 11.97 -1.79
N ILE A 154 -4.94 11.02 -1.00
CA ILE A 154 -4.38 10.79 0.33
C ILE A 154 -2.91 10.45 0.18
N ILE A 155 -2.08 10.99 1.08
CA ILE A 155 -0.63 10.84 1.02
C ILE A 155 -0.19 10.01 2.23
N ILE A 156 0.68 9.04 1.99
CA ILE A 156 1.33 8.30 3.05
C ILE A 156 2.75 8.84 3.21
N ARG A 157 3.12 9.19 4.43
CA ARG A 157 4.44 9.75 4.70
C ARG A 157 5.14 8.91 5.74
N SER A 158 6.39 8.55 5.46
CA SER A 158 7.24 7.89 6.44
C SER A 158 8.69 8.10 6.06
N GLU A 159 9.54 8.27 7.09
CA GLU A 159 10.98 8.30 6.85
C GLU A 159 11.48 7.01 6.23
N ASN A 160 10.78 5.89 6.43
CA ASN A 160 11.16 4.61 5.84
C ASN A 160 10.06 3.58 6.08
N LEU A 161 9.18 3.39 5.09
CA LEU A 161 8.03 2.51 5.26
C LEU A 161 8.45 1.10 5.63
N THR A 162 9.60 0.63 5.12
CA THR A 162 10.05 -0.73 5.41
C THR A 162 10.44 -0.89 6.88
N ASN A 163 10.74 0.20 7.58
CA ASN A 163 11.12 0.15 8.98
C ASN A 163 9.86 0.34 9.81
N ASN A 164 9.36 -0.74 10.42
CA ASN A 164 8.12 -0.62 11.17
C ASN A 164 8.24 0.27 12.40
N ALA A 165 9.46 0.60 12.83
CA ALA A 165 9.65 1.49 13.97
C ALA A 165 9.50 2.96 13.61
N LYS A 166 9.37 3.29 12.32
CA LYS A 166 9.16 4.67 11.91
C LYS A 166 7.67 4.97 11.80
N THR A 167 7.28 6.14 12.32
CA THR A 167 5.88 6.53 12.33
C THR A 167 5.40 6.84 10.92
N ILE A 168 4.16 6.46 10.64
CA ILE A 168 3.49 6.82 9.40
C ILE A 168 2.56 8.00 9.65
N ILE A 169 2.67 9.03 8.82
CA ILE A 169 1.67 10.10 8.78
C ILE A 169 0.77 9.87 7.58
N VAL A 170 -0.52 9.68 7.85
CA VAL A 170 -1.52 9.66 6.78
C VAL A 170 -2.09 11.07 6.65
N HIS A 171 -2.00 11.63 5.45
CA HIS A 171 -2.49 12.98 5.17
C HIS A 171 -3.81 12.85 4.40
N LEU A 172 -4.91 13.18 5.07
CA LEU A 172 -6.23 13.06 4.44
C LEU A 172 -6.48 14.17 3.43
N ASN A 173 -7.29 13.86 2.42
CA ASN A 173 -7.76 14.87 1.48
C ASN A 173 -9.19 15.31 1.75
N LYS A 174 -9.83 14.75 2.78
CA LYS A 174 -11.17 15.15 3.17
C LYS A 174 -11.26 15.15 4.69
N SER A 175 -11.79 16.24 5.25
CA SER A 175 -11.95 16.38 6.69
C SER A 175 -13.05 15.45 7.22
N VAL A 176 -12.84 14.94 8.42
CA VAL A 176 -13.89 14.27 9.19
C VAL A 176 -14.01 14.98 10.53
N GLU A 177 -15.18 15.56 10.79
CA GLU A 177 -15.39 16.30 12.03
C GLU A 177 -15.44 15.36 13.22
N ILE A 178 -14.87 15.79 14.34
CA ILE A 178 -14.96 15.10 15.61
C ILE A 178 -15.44 16.09 16.66
N ASN A 179 -16.52 15.75 17.36
CA ASN A 179 -17.26 16.68 18.19
C ASN A 179 -17.22 16.16 19.62
N CYS A 180 -16.41 16.82 20.47
CA CYS A 180 -16.11 16.34 21.82
C CYS A 180 -16.73 17.27 22.86
N THR A 181 -17.40 16.67 23.85
CA THR A 181 -18.15 17.43 24.84
C THR A 181 -18.00 16.83 26.22
N ARG A 182 -17.66 17.68 27.20
CA ARG A 182 -17.92 17.37 28.60
C ARG A 182 -19.21 18.06 28.95
N PRO A 183 -20.35 17.36 29.03
CA PRO A 183 -21.63 18.05 29.15
C PRO A 183 -21.72 18.87 30.43
N SER A 184 -22.38 20.03 30.32
CA SER A 184 -22.63 20.86 31.49
C SER A 184 -23.41 20.09 32.56
N ASN A 185 -24.19 19.10 32.14
CA ASN A 185 -24.84 18.17 33.08
C ASN A 185 -25.01 16.80 32.42
N GLY A 192 -23.41 13.95 38.73
CA GLY A 192 -22.67 13.59 37.54
C GLY A 192 -21.17 13.50 37.76
N ASP A 193 -20.47 12.96 36.76
CA ASP A 193 -19.02 12.79 36.81
C ASP A 193 -18.39 13.93 36.00
N ILE A 194 -17.76 14.88 36.71
CA ILE A 194 -17.26 16.08 36.05
C ILE A 194 -16.14 15.78 35.05
N ARG A 195 -15.61 14.56 35.05
CA ARG A 195 -14.54 14.20 34.12
C ARG A 195 -15.02 13.31 32.98
N LYS A 196 -16.30 12.93 32.97
CA LYS A 196 -16.84 12.13 31.87
C LYS A 196 -17.10 13.02 30.66
N ALA A 197 -16.67 12.56 29.50
CA ALA A 197 -16.90 13.27 28.25
C ALA A 197 -17.02 12.25 27.13
N TYR A 198 -17.27 12.73 25.91
CA TYR A 198 -17.41 11.85 24.76
C TYR A 198 -17.16 12.67 23.50
N CYS A 199 -16.77 11.96 22.43
CA CYS A 199 -16.65 12.53 21.10
C CYS A 199 -17.59 11.82 20.14
N GLU A 200 -18.27 12.61 19.32
CA GLU A 200 -19.19 12.09 18.31
C GLU A 200 -18.56 12.27 16.94
N ILE A 201 -18.61 11.21 16.15
CA ILE A 201 -18.04 11.20 14.80
C ILE A 201 -19.06 10.56 13.87
N ASN A 202 -19.26 11.18 12.71
CA ASN A 202 -20.16 10.63 11.70
C ASN A 202 -19.57 9.33 11.16
N GLY A 203 -20.23 8.22 11.46
CA GLY A 203 -19.66 6.92 11.12
C GLY A 203 -19.57 6.66 9.63
N THR A 204 -20.53 7.17 8.85
CA THR A 204 -20.48 6.97 7.40
C THR A 204 -19.25 7.66 6.80
N LYS A 205 -19.03 8.92 7.15
CA LYS A 205 -17.86 9.64 6.68
C LYS A 205 -16.57 8.93 7.10
N TRP A 206 -16.46 8.63 8.39
CA TRP A 206 -15.21 8.04 8.88
C TRP A 206 -14.89 6.75 8.17
N ASN A 207 -15.89 5.86 8.04
CA ASN A 207 -15.63 4.55 7.44
C ASN A 207 -15.34 4.66 5.94
N LYS A 208 -15.91 5.66 5.26
CA LYS A 208 -15.56 5.86 3.86
C LYS A 208 -14.10 6.29 3.74
N VAL A 209 -13.67 7.22 4.59
CA VAL A 209 -12.29 7.70 4.54
C VAL A 209 -11.32 6.59 4.90
N LEU A 210 -11.62 5.83 5.96
CA LEU A 210 -10.73 4.75 6.38
C LEU A 210 -10.60 3.69 5.28
N LYS A 211 -11.69 3.42 4.56
CA LYS A 211 -11.58 2.51 3.42
C LYS A 211 -10.63 3.08 2.36
N GLN A 212 -10.68 4.39 2.12
CA GLN A 212 -9.76 5.01 1.17
C GLN A 212 -8.32 4.97 1.67
N VAL A 213 -8.11 5.09 2.98
CA VAL A 213 -6.77 4.97 3.52
C VAL A 213 -6.23 3.55 3.30
N THR A 214 -7.10 2.55 3.47
CA THR A 214 -6.75 1.16 3.23
C THR A 214 -6.24 0.95 1.82
N GLU A 215 -6.98 1.47 0.83
CA GLU A 215 -6.59 1.28 -0.57
C GLU A 215 -5.29 2.00 -0.89
N LYS A 216 -4.99 3.12 -0.23
CA LYS A 216 -3.73 3.80 -0.45
C LYS A 216 -2.57 3.01 0.12
N LEU A 217 -2.72 2.53 1.36
CA LEU A 217 -1.68 1.70 1.97
C LEU A 217 -1.40 0.46 1.13
N LYS A 218 -2.45 -0.13 0.52
CA LYS A 218 -2.26 -1.25 -0.40
C LYS A 218 -1.27 -0.91 -1.50
N GLU A 219 -1.36 0.31 -2.06
CA GLU A 219 -0.44 0.74 -3.09
C GLU A 219 1.00 0.73 -2.61
N HIS A 220 1.22 0.94 -1.31
CA HIS A 220 2.57 1.01 -0.77
C HIS A 220 3.09 -0.31 -0.23
N PHE A 221 2.19 -1.28 -0.01
CA PHE A 221 2.55 -2.57 0.56
C PHE A 221 2.19 -3.73 -0.38
N ASN A 222 2.42 -3.53 -1.67
CA ASN A 222 2.41 -4.60 -2.66
C ASN A 222 1.08 -5.37 -2.64
N ASN A 223 -0.01 -4.67 -2.36
CA ASN A 223 -1.37 -5.23 -2.34
C ASN A 223 -1.59 -6.25 -1.23
N LYS A 224 -0.78 -6.24 -0.17
CA LYS A 224 -1.10 -7.06 0.97
C LYS A 224 -2.43 -6.61 1.59
N THR A 225 -2.95 -7.45 2.48
CA THR A 225 -4.22 -7.16 3.16
C THR A 225 -3.98 -6.19 4.31
N ILE A 226 -4.77 -5.12 4.35
CA ILE A 226 -4.54 -4.03 5.30
C ILE A 226 -5.54 -4.17 6.44
N ILE A 227 -5.01 -4.26 7.67
CA ILE A 227 -5.81 -4.47 8.87
C ILE A 227 -5.51 -3.35 9.86
N PHE A 228 -6.57 -2.79 10.45
CA PHE A 228 -6.46 -1.83 11.55
C PHE A 228 -6.81 -2.52 12.86
N GLN A 229 -6.05 -2.21 13.90
CA GLN A 229 -6.31 -2.71 15.25
C GLN A 229 -6.08 -1.57 16.23
N PRO A 230 -6.68 -1.64 17.41
CA PRO A 230 -6.38 -0.66 18.48
C PRO A 230 -4.98 -0.90 19.03
N PRO A 231 -4.38 0.11 19.67
CA PRO A 231 -3.02 -0.07 20.19
C PRO A 231 -2.94 -1.27 21.10
N SER A 232 -1.76 -1.87 21.18
CA SER A 232 -1.56 -3.03 22.05
C SER A 232 -1.07 -2.60 23.43
N GLY A 233 0.05 -1.88 23.49
CA GLY A 233 0.57 -1.40 24.75
C GLY A 233 0.91 0.07 24.71
N GLY A 234 1.77 0.53 25.61
CA GLY A 234 2.21 1.91 25.65
C GLY A 234 1.53 2.70 26.75
N ASP A 235 1.92 3.97 26.85
CA ASP A 235 1.36 4.87 27.83
C ASP A 235 -0.01 5.37 27.41
N LEU A 236 -0.78 5.84 28.39
CA LEU A 236 -2.14 6.29 28.15
C LEU A 236 -2.22 7.30 27.01
N GLU A 237 -1.26 8.24 26.99
CA GLU A 237 -1.30 9.29 25.97
C GLU A 237 -1.37 8.72 24.56
N ILE A 238 -0.80 7.53 24.34
CA ILE A 238 -0.70 6.96 23.00
C ILE A 238 -1.77 5.89 22.75
N THR A 239 -2.16 5.17 23.80
CA THR A 239 -3.24 4.20 23.62
C THR A 239 -4.59 4.90 23.45
N MET A 240 -4.71 6.12 23.95
CA MET A 240 -5.88 6.97 23.76
C MET A 240 -5.54 8.06 22.75
N HIS A 241 -6.59 8.58 22.10
CA HIS A 241 -6.48 9.86 21.40
C HIS A 241 -6.51 10.97 22.43
N SER A 242 -5.39 11.66 22.63
CA SER A 242 -5.32 12.73 23.61
C SER A 242 -5.04 14.07 22.93
N PHE A 243 -5.70 15.11 23.45
CA PHE A 243 -5.62 16.45 22.89
C PHE A 243 -6.01 17.40 24.02
N ASN A 244 -5.89 18.70 23.73
CA ASN A 244 -6.24 19.71 24.73
C ASN A 244 -7.39 20.55 24.19
N CYS A 245 -8.51 20.55 24.90
CA CYS A 245 -9.70 21.30 24.52
C CYS A 245 -9.94 22.38 25.58
N ARG A 246 -9.82 23.65 25.17
CA ARG A 246 -10.07 24.80 26.03
C ARG A 246 -9.23 24.77 27.31
N GLY A 247 -8.04 24.16 27.24
CA GLY A 247 -7.17 24.02 28.39
C GLY A 247 -7.30 22.71 29.14
N GLU A 248 -8.37 21.95 28.91
CA GLU A 248 -8.56 20.66 29.56
C GLU A 248 -8.00 19.54 28.69
N PHE A 249 -7.36 18.56 29.34
CA PHE A 249 -6.77 17.41 28.64
C PHE A 249 -7.83 16.32 28.47
N PHE A 250 -8.19 16.02 27.22
CA PHE A 250 -9.12 14.95 26.90
C PHE A 250 -8.35 13.70 26.47
N TYR A 251 -8.75 12.55 27.00
CA TYR A 251 -8.25 11.23 26.60
C TYR A 251 -9.44 10.40 26.12
N CYS A 252 -9.43 10.01 24.85
CA CYS A 252 -10.57 9.35 24.22
C CYS A 252 -10.19 7.97 23.69
N ASN A 253 -11.06 7.00 23.94
CA ASN A 253 -10.89 5.64 23.47
C ASN A 253 -11.36 5.54 22.02
N THR A 254 -10.45 5.22 21.11
CA THR A 254 -10.76 5.14 19.68
C THR A 254 -10.91 3.71 19.17
N THR A 255 -11.12 2.73 20.05
CA THR A 255 -11.35 1.37 19.59
C THR A 255 -12.40 1.30 18.48
N GLN A 256 -13.47 2.09 18.61
CA GLN A 256 -14.55 2.03 17.63
C GLN A 256 -14.14 2.59 16.28
N LEU A 257 -13.12 3.45 16.23
CA LEU A 257 -12.67 3.97 14.94
C LEU A 257 -11.81 2.94 14.20
N PHE A 258 -11.06 2.13 14.91
CA PHE A 258 -10.09 1.29 14.23
C PHE A 258 -10.49 -0.18 14.29
N ASN A 259 -11.76 -0.45 13.92
CA ASN A 259 -12.31 -1.79 13.79
C ASN A 259 -12.60 -2.06 12.31
N ASN A 260 -11.93 -3.06 11.74
CA ASN A 260 -12.05 -3.42 10.33
C ASN A 260 -13.40 -3.97 9.94
N THR A 261 -14.38 -3.98 10.84
CA THR A 261 -15.68 -4.58 10.52
C THR A 261 -16.43 -3.75 9.49
N CYS A 262 -16.45 -2.42 9.67
CA CYS A 262 -17.25 -1.55 8.81
C CYS A 262 -16.55 -1.19 7.51
N ILE A 263 -15.22 -1.30 7.45
CA ILE A 263 -14.50 -1.01 6.22
C ILE A 263 -14.79 -2.08 5.18
N CYS A 271 -20.57 1.01 8.53
CA CYS A 271 -21.68 1.11 9.46
C CYS A 271 -22.08 2.56 9.69
N ASN A 272 -23.10 3.02 8.97
CA ASN A 272 -23.57 4.38 9.12
C ASN A 272 -24.17 4.58 10.51
N GLY A 273 -24.10 5.82 10.98
CA GLY A 273 -24.57 6.14 12.32
C GLY A 273 -23.53 6.92 13.08
N THR A 274 -23.93 7.58 14.16
CA THR A 274 -22.96 8.34 14.95
C THR A 274 -22.13 7.41 15.82
N ILE A 275 -20.81 7.57 15.77
CA ILE A 275 -19.91 6.86 16.65
C ILE A 275 -19.66 7.74 17.87
N THR A 276 -19.93 7.22 19.05
CA THR A 276 -19.71 7.94 20.29
C THR A 276 -18.53 7.31 21.01
N LEU A 277 -17.43 8.04 21.09
CA LEU A 277 -16.23 7.56 21.78
C LEU A 277 -16.28 7.97 23.25
N PRO A 278 -15.99 7.07 24.19
CA PRO A 278 -15.91 7.49 25.58
C PRO A 278 -14.59 8.19 25.87
N CYS A 279 -14.67 9.30 26.60
CA CYS A 279 -13.51 10.12 26.93
C CYS A 279 -13.52 10.44 28.42
N LYS A 280 -12.36 10.90 28.87
CA LYS A 280 -12.19 11.35 30.24
C LYS A 280 -11.26 12.56 30.22
N ILE A 281 -11.61 13.58 30.99
CA ILE A 281 -10.72 14.70 31.24
C ILE A 281 -9.72 14.26 32.30
N LYS A 282 -8.44 14.44 32.02
CA LYS A 282 -7.38 14.00 32.91
C LYS A 282 -6.62 15.18 33.51
N GLN A 283 -6.37 15.10 34.81
CA GLN A 283 -5.52 16.07 35.50
C GLN A 283 -4.06 15.62 35.54
N ILE A 284 -3.81 14.34 35.73
CA ILE A 284 -2.45 13.81 35.85
C ILE A 284 -1.98 13.37 34.47
N ILE A 285 -0.88 13.95 34.01
CA ILE A 285 -0.47 13.92 32.60
C ILE A 285 1.00 13.57 32.52
N ASN A 286 1.35 12.67 31.60
CA ASN A 286 2.73 12.59 31.12
C ASN A 286 2.95 13.73 30.12
N MET A 287 3.94 14.58 30.39
CA MET A 287 4.10 15.81 29.60
C MET A 287 4.76 15.50 28.27
N TRP A 288 4.09 15.87 27.17
CA TRP A 288 4.65 15.67 25.84
C TRP A 288 6.00 16.35 25.66
N GLN A 289 6.30 17.38 26.45
CA GLN A 289 7.62 17.99 26.43
C GLN A 289 8.71 17.04 26.92
N GLY A 290 8.34 15.91 27.52
CA GLY A 290 9.32 14.96 28.02
C GLY A 290 9.88 15.27 29.38
N THR A 291 9.22 16.14 30.16
CA THR A 291 9.76 16.59 31.45
C THR A 291 9.13 15.87 32.63
N GLY A 292 8.52 14.71 32.43
CA GLY A 292 7.96 13.96 33.53
C GLY A 292 6.45 14.00 33.60
N GLN A 293 5.90 13.88 34.81
CA GLN A 293 4.47 13.91 35.05
C GLN A 293 4.06 15.24 35.67
N ALA A 294 2.79 15.59 35.46
CA ALA A 294 2.27 16.85 35.96
C ALA A 294 0.80 16.66 36.31
N MET A 295 0.35 17.41 37.31
CA MET A 295 -1.06 17.47 37.69
C MET A 295 -1.56 18.89 37.45
N TYR A 296 -2.61 19.00 36.64
CA TYR A 296 -3.25 20.27 36.36
C TYR A 296 -4.53 20.40 37.18
N ALA A 297 -5.17 21.57 37.08
CA ALA A 297 -6.36 21.84 37.87
C ALA A 297 -7.56 21.07 37.33
N PRO A 298 -8.60 20.91 38.15
CA PRO A 298 -9.81 20.20 37.70
C PRO A 298 -10.59 21.01 36.70
N PRO A 299 -11.56 20.41 36.01
CA PRO A 299 -12.20 21.12 34.89
C PRO A 299 -13.03 22.30 35.35
N ILE A 300 -13.13 23.30 34.46
CA ILE A 300 -14.06 24.40 34.64
C ILE A 300 -15.49 23.87 34.65
N ASP A 301 -16.40 24.70 35.17
CA ASP A 301 -17.82 24.38 35.16
C ASP A 301 -18.41 24.58 33.76
N GLY A 302 -19.62 24.08 33.58
CA GLY A 302 -20.34 24.29 32.34
C GLY A 302 -19.92 23.36 31.20
N LYS A 303 -20.47 23.65 30.03
CA LYS A 303 -20.30 22.80 28.85
C LYS A 303 -18.93 23.08 28.22
N ILE A 304 -18.11 22.04 28.13
CA ILE A 304 -16.80 22.11 27.49
C ILE A 304 -16.90 21.37 26.17
N ASN A 305 -16.63 22.08 25.07
CA ASN A 305 -16.87 21.53 23.75
C ASN A 305 -15.81 22.01 22.77
N CYS A 306 -15.34 21.09 21.92
CA CYS A 306 -14.45 21.39 20.80
C CYS A 306 -14.88 20.54 19.62
N VAL A 307 -15.19 21.19 18.50
CA VAL A 307 -15.44 20.50 17.24
C VAL A 307 -14.21 20.71 16.38
N SER A 308 -13.52 19.62 16.04
CA SER A 308 -12.27 19.69 15.28
C SER A 308 -12.40 18.92 13.97
N ASN A 309 -11.51 19.27 13.03
CA ASN A 309 -11.34 18.51 11.79
C ASN A 309 -10.26 17.46 11.99
N ILE A 310 -10.58 16.19 11.78
CA ILE A 310 -9.54 15.19 11.60
C ILE A 310 -8.97 15.39 10.21
N THR A 311 -7.68 15.69 10.12
CA THR A 311 -7.05 15.92 8.83
C THR A 311 -5.87 14.99 8.58
N GLY A 312 -5.49 14.16 9.55
CA GLY A 312 -4.38 13.25 9.43
C GLY A 312 -4.49 12.16 10.48
N ILE A 313 -3.70 11.10 10.30
CA ILE A 313 -3.67 9.98 11.24
C ILE A 313 -2.23 9.55 11.40
N LEU A 314 -1.85 9.23 12.63
CA LEU A 314 -0.53 8.70 12.97
C LEU A 314 -0.65 7.20 13.19
N LEU A 315 0.14 6.41 12.47
CA LEU A 315 0.05 4.96 12.50
C LEU A 315 1.41 4.35 12.82
N THR A 316 1.37 3.23 13.53
CA THR A 316 2.51 2.33 13.66
C THR A 316 2.12 0.96 13.10
N ARG A 317 3.02 0.35 12.35
CA ARG A 317 2.77 -0.92 11.69
C ARG A 317 3.41 -2.05 12.50
N ASP A 318 2.65 -3.14 12.68
CA ASP A 318 3.17 -4.30 13.40
C ASP A 318 4.42 -4.85 12.74
N GLY A 319 5.36 -5.31 13.56
CA GLY A 319 6.46 -6.09 13.05
C GLY A 319 6.08 -7.55 12.95
N GLY A 320 6.95 -8.31 12.28
CA GLY A 320 6.80 -9.75 12.25
C GLY A 320 5.72 -10.31 11.36
N ALA A 321 5.33 -9.60 10.30
CA ALA A 321 4.30 -10.06 9.37
C ALA A 321 4.85 -10.36 7.98
N ASN A 322 6.17 -10.48 7.84
CA ASN A 322 6.76 -10.66 6.51
C ASN A 322 6.32 -11.96 5.84
N ASN A 323 6.05 -12.99 6.63
CA ASN A 323 5.69 -14.30 6.09
C ASN A 323 4.18 -14.50 6.02
N THR A 324 3.40 -13.42 6.07
CA THR A 324 1.96 -13.49 5.89
C THR A 324 1.54 -12.48 4.83
N SER A 325 0.26 -12.53 4.48
CA SER A 325 -0.30 -11.57 3.54
C SER A 325 -0.94 -10.36 4.22
N ASN A 326 -0.82 -10.23 5.54
CA ASN A 326 -1.42 -9.11 6.27
C ASN A 326 -0.36 -8.10 6.70
N GLU A 327 -0.76 -6.84 6.73
CA GLU A 327 -0.06 -5.79 7.44
C GLU A 327 -1.04 -5.14 8.40
N THR A 328 -0.65 -5.01 9.66
CA THR A 328 -1.52 -4.47 10.69
C THR A 328 -1.02 -3.10 11.13
N PHE A 329 -1.95 -2.15 11.24
CA PHE A 329 -1.65 -0.77 11.57
C PHE A 329 -2.44 -0.34 12.81
N ARG A 330 -1.76 0.37 13.71
CA ARG A 330 -2.42 0.82 14.93
C ARG A 330 -2.19 2.32 15.11
N PRO A 331 -3.20 3.04 15.62
CA PRO A 331 -3.02 4.48 15.85
C PRO A 331 -1.93 4.71 16.90
N GLY A 332 -1.11 5.72 16.66
CA GLY A 332 0.08 5.95 17.46
C GLY A 332 0.41 7.42 17.62
N GLY A 333 1.70 7.74 17.53
CA GLY A 333 2.16 9.10 17.75
C GLY A 333 2.92 9.24 19.06
N GLY A 334 2.90 10.44 19.64
CA GLY A 334 3.58 10.70 20.89
C GLY A 334 4.82 11.56 20.74
N ASN A 335 5.40 11.61 19.55
CA ASN A 335 6.45 12.56 19.22
C ASN A 335 5.75 13.74 18.53
N ILE A 336 5.51 14.81 19.30
CA ILE A 336 4.79 15.96 18.79
C ILE A 336 5.49 16.61 17.60
N LYS A 337 6.78 16.39 17.43
CA LYS A 337 7.46 16.93 16.25
C LYS A 337 6.85 16.40 14.96
N ASP A 338 6.35 15.16 14.97
CA ASP A 338 5.64 14.64 13.81
C ASP A 338 4.39 15.45 13.50
N ASN A 339 3.74 16.02 14.52
CA ASN A 339 2.62 16.92 14.27
C ASN A 339 3.06 18.12 13.45
N TRP A 340 4.21 18.72 13.80
CA TRP A 340 4.67 19.88 13.03
C TRP A 340 5.19 19.45 11.66
N ARG A 341 5.79 18.26 11.56
CA ARG A 341 6.21 17.75 10.26
C ARG A 341 5.03 17.64 9.29
N SER A 342 3.86 17.21 9.78
CA SER A 342 2.70 17.04 8.92
C SER A 342 2.27 18.33 8.24
N GLU A 343 2.67 19.49 8.77
CA GLU A 343 2.39 20.77 8.16
C GLU A 343 3.63 21.41 7.52
N LEU A 344 4.82 21.10 7.99
CA LEU A 344 6.04 21.72 7.49
C LEU A 344 6.72 20.91 6.38
N TYR A 345 6.13 19.79 5.96
CA TYR A 345 6.80 18.85 5.07
C TYR A 345 7.22 19.50 3.75
N LYS A 346 6.53 20.55 3.32
CA LYS A 346 6.74 21.08 1.99
C LYS A 346 7.74 22.23 1.95
N TYR A 347 8.37 22.55 3.06
CA TYR A 347 9.18 23.76 3.18
C TYR A 347 10.61 23.41 3.56
N LYS A 348 11.56 24.19 3.04
CA LYS A 348 12.93 24.13 3.49
C LYS A 348 13.57 25.49 3.33
N VAL A 349 14.55 25.77 4.19
CA VAL A 349 15.25 27.04 4.19
C VAL A 349 16.50 26.92 3.34
N VAL A 350 16.72 27.90 2.47
CA VAL A 350 17.97 27.99 1.74
C VAL A 350 18.55 29.39 1.94
N GLN A 351 19.87 29.48 1.84
CA GLN A 351 20.58 30.74 1.90
C GLN A 351 20.86 31.23 0.49
N ILE A 352 20.66 32.52 0.27
CA ILE A 352 20.82 33.13 -1.04
C ILE A 352 22.21 33.73 -1.17
N GLU A 353 22.93 33.33 -2.22
CA GLU A 353 24.27 33.84 -2.49
C GLU A 353 24.21 35.17 -3.21
N VAL B 1 2.38 5.15 -39.86
CA VAL B 1 2.74 3.92 -40.56
C VAL B 1 3.83 3.17 -39.79
N TRP B 2 3.51 1.95 -39.36
CA TRP B 2 4.41 1.15 -38.55
C TRP B 2 4.40 -0.29 -39.06
N LYS B 3 5.24 -1.13 -38.47
CA LYS B 3 5.33 -2.53 -38.85
C LYS B 3 5.61 -3.36 -37.62
N ASP B 4 5.07 -4.58 -37.62
CA ASP B 4 5.43 -5.56 -36.60
C ASP B 4 6.95 -5.72 -36.56
N ALA B 5 7.49 -5.83 -35.36
CA ALA B 5 8.94 -5.94 -35.20
C ALA B 5 9.25 -6.32 -33.77
N ASP B 6 10.44 -6.87 -33.57
CA ASP B 6 10.94 -7.24 -32.25
C ASP B 6 12.21 -6.44 -31.95
N THR B 7 12.38 -6.04 -30.69
CA THR B 7 13.56 -5.28 -30.33
C THR B 7 13.91 -5.62 -28.88
N THR B 8 15.03 -5.05 -28.42
CA THR B 8 15.46 -5.19 -27.04
C THR B 8 14.56 -4.36 -26.14
N LEU B 9 13.69 -5.00 -25.38
CA LEU B 9 12.84 -4.28 -24.45
C LEU B 9 13.58 -4.03 -23.14
N PHE B 10 13.12 -3.02 -22.40
CA PHE B 10 13.64 -2.75 -21.07
C PHE B 10 12.49 -2.75 -20.07
N CYS B 11 12.84 -2.90 -18.79
CA CYS B 11 11.85 -3.03 -17.74
C CYS B 11 11.90 -1.81 -16.81
N ALA B 12 10.74 -1.50 -16.24
CA ALA B 12 10.61 -0.46 -15.21
C ALA B 12 9.86 -1.03 -14.02
N SER B 13 10.18 -0.51 -12.84
CA SER B 13 9.57 -1.00 -11.61
C SER B 13 9.68 0.09 -10.55
N ASP B 14 9.07 -0.17 -9.39
CA ASP B 14 9.17 0.69 -8.22
C ASP B 14 9.97 0.05 -7.10
N ALA B 15 10.97 -0.76 -7.46
CA ALA B 15 11.73 -1.49 -6.46
C ALA B 15 12.48 -0.54 -5.53
N LYS B 16 12.70 -1.00 -4.30
CA LYS B 16 13.38 -0.23 -3.25
C LYS B 16 14.81 -0.73 -3.11
N ALA B 17 15.77 0.18 -3.21
CA ALA B 17 17.18 -0.21 -3.23
C ALA B 17 17.67 -0.74 -1.90
N HIS B 18 17.03 -0.37 -0.80
CA HIS B 18 17.50 -0.80 0.52
C HIS B 18 17.08 -2.22 0.88
N GLU B 19 16.27 -2.87 0.05
CA GLU B 19 15.55 -4.07 0.42
C GLU B 19 16.29 -5.35 0.01
N THR B 20 16.15 -6.39 0.83
CA THR B 20 16.76 -7.68 0.56
C THR B 20 15.84 -8.63 -0.20
N GLU B 21 14.55 -8.30 -0.33
CA GLU B 21 13.64 -9.12 -1.12
C GLU B 21 14.16 -9.26 -2.55
N VAL B 22 14.17 -10.49 -3.07
CA VAL B 22 14.97 -10.80 -4.25
C VAL B 22 14.42 -10.09 -5.49
N HIS B 23 13.09 -10.03 -5.64
CA HIS B 23 12.54 -9.29 -6.77
C HIS B 23 12.98 -7.83 -6.74
N ASN B 24 12.99 -7.22 -5.54
CA ASN B 24 13.46 -5.86 -5.42
C ASN B 24 14.93 -5.73 -5.80
N VAL B 25 15.75 -6.68 -5.37
CA VAL B 25 17.18 -6.62 -5.67
C VAL B 25 17.41 -6.76 -7.18
N TRP B 26 16.80 -7.78 -7.79
CA TRP B 26 16.94 -7.95 -9.23
C TRP B 26 16.55 -6.68 -9.97
N ALA B 27 15.37 -6.14 -9.67
CA ALA B 27 14.87 -4.98 -10.38
C ALA B 27 15.67 -3.71 -10.09
N THR B 28 16.35 -3.66 -8.94
CA THR B 28 17.17 -2.50 -8.63
C THR B 28 18.36 -2.38 -9.58
N HIS B 29 18.92 -3.50 -10.01
CA HIS B 29 20.04 -3.45 -10.94
C HIS B 29 19.65 -3.80 -12.37
N ALA B 30 18.39 -4.19 -12.60
CA ALA B 30 17.96 -4.60 -13.93
C ALA B 30 16.93 -3.69 -14.59
N CYS B 31 16.24 -2.83 -13.83
CA CYS B 31 15.18 -1.99 -14.38
C CYS B 31 15.42 -0.53 -14.02
N VAL B 32 14.59 0.34 -14.59
CA VAL B 32 14.62 1.78 -14.32
C VAL B 32 13.37 2.16 -13.52
N PRO B 33 13.28 3.40 -13.03
CA PRO B 33 12.05 3.83 -12.35
C PRO B 33 10.88 3.93 -13.31
N THR B 34 9.67 3.78 -12.77
CA THR B 34 8.47 3.87 -13.59
C THR B 34 8.19 5.32 -13.97
N ASP B 35 7.45 5.49 -15.06
CA ASP B 35 7.01 6.81 -15.48
C ASP B 35 5.79 7.22 -14.66
N PRO B 36 5.82 8.36 -13.97
CA PRO B 36 4.63 8.77 -13.21
C PRO B 36 3.49 9.29 -14.09
N ASN B 37 3.78 9.76 -15.30
CA ASN B 37 2.77 10.30 -16.21
C ASN B 37 2.77 9.54 -17.53
N PRO B 38 2.49 8.23 -17.52
CA PRO B 38 2.45 7.48 -18.78
C PRO B 38 1.33 7.99 -19.66
N GLN B 39 1.62 8.08 -20.96
CA GLN B 39 0.68 8.59 -21.94
C GLN B 39 0.18 7.46 -22.85
N GLU B 40 -1.12 7.46 -23.10
CA GLU B 40 -1.77 6.49 -23.97
C GLU B 40 -2.47 7.24 -25.08
N ILE B 41 -2.23 6.82 -26.32
CA ILE B 41 -2.77 7.46 -27.51
C ILE B 41 -3.69 6.47 -28.21
N HIS B 42 -4.96 6.81 -28.32
CA HIS B 42 -5.90 5.95 -29.04
C HIS B 42 -5.75 6.18 -30.54
N LEU B 43 -5.64 5.08 -31.30
CA LEU B 43 -5.52 5.14 -32.74
C LEU B 43 -6.92 5.04 -33.35
N GLU B 44 -7.44 6.17 -33.81
CA GLU B 44 -8.79 6.20 -34.36
C GLU B 44 -8.85 5.46 -35.69
N ASN B 45 -9.93 4.72 -35.89
CA ASN B 45 -10.20 3.97 -37.12
C ASN B 45 -9.10 2.97 -37.45
N VAL B 46 -8.16 2.74 -36.55
CA VAL B 46 -7.06 1.82 -36.79
C VAL B 46 -7.43 0.45 -36.24
N THR B 47 -7.16 -0.59 -37.04
CA THR B 47 -7.42 -1.96 -36.64
C THR B 47 -6.14 -2.76 -36.85
N GLU B 48 -5.62 -3.34 -35.77
CA GLU B 48 -4.38 -4.10 -35.80
C GLU B 48 -4.66 -5.56 -35.47
N ASN B 49 -3.93 -6.45 -36.12
CA ASN B 49 -4.04 -7.88 -35.86
C ASN B 49 -3.08 -8.27 -34.74
N PHE B 50 -3.55 -9.13 -33.85
CA PHE B 50 -2.78 -9.58 -32.70
C PHE B 50 -2.63 -11.10 -32.72
N ASN B 51 -1.69 -11.60 -31.93
CA ASN B 51 -1.43 -13.04 -31.88
C ASN B 51 -0.66 -13.32 -30.58
N MET B 52 -1.41 -13.54 -29.50
CA MET B 52 -0.80 -13.74 -28.19
C MET B 52 0.06 -15.00 -28.13
N TRP B 53 -0.11 -15.93 -29.06
CA TRP B 53 0.66 -17.16 -29.04
C TRP B 53 1.98 -17.04 -29.80
N LYS B 54 2.15 -16.00 -30.62
CA LYS B 54 3.40 -15.70 -31.32
C LYS B 54 3.78 -14.27 -30.96
N ASN B 55 4.31 -14.08 -29.76
CA ASN B 55 4.53 -12.76 -29.20
C ASN B 55 5.87 -12.77 -28.46
N ASN B 56 6.90 -12.20 -29.10
CA ASN B 56 8.26 -12.23 -28.57
C ASN B 56 8.40 -11.55 -27.22
N MET B 57 7.40 -10.74 -26.81
CA MET B 57 7.42 -10.19 -25.45
C MET B 57 7.37 -11.29 -24.41
N VAL B 58 6.73 -12.42 -24.72
CA VAL B 58 6.64 -13.53 -23.78
C VAL B 58 8.02 -14.12 -23.53
N GLU B 59 8.75 -14.45 -24.61
CA GLU B 59 10.09 -14.99 -24.47
C GLU B 59 10.98 -14.02 -23.69
N GLN B 60 10.82 -12.72 -23.91
CA GLN B 60 11.64 -11.75 -23.19
C GLN B 60 11.35 -11.78 -21.70
N MET B 61 10.06 -11.81 -21.33
CA MET B 61 9.73 -11.91 -19.91
C MET B 61 10.23 -13.22 -19.33
N GLN B 62 10.02 -14.33 -20.06
CA GLN B 62 10.57 -15.61 -19.65
C GLN B 62 12.06 -15.49 -19.32
N GLU B 63 12.84 -14.90 -20.24
CA GLU B 63 14.27 -14.74 -20.01
C GLU B 63 14.54 -13.96 -18.72
N ASP B 64 13.76 -12.92 -18.45
CA ASP B 64 13.95 -12.14 -17.21
C ASP B 64 13.70 -13.00 -15.98
N VAL B 65 12.58 -13.72 -15.95
CA VAL B 65 12.25 -14.45 -14.74
C VAL B 65 13.23 -15.61 -14.53
N ILE B 66 13.70 -16.21 -15.62
CA ILE B 66 14.73 -17.25 -15.50
C ILE B 66 15.99 -16.66 -14.87
N SER B 67 16.39 -15.48 -15.31
CA SER B 67 17.56 -14.81 -14.72
C SER B 67 17.33 -14.50 -13.25
N LEU B 68 16.15 -13.98 -12.91
CA LEU B 68 15.86 -13.67 -11.51
C LEU B 68 15.92 -14.94 -10.65
N TRP B 69 15.27 -16.01 -11.11
CA TRP B 69 15.25 -17.25 -10.33
C TRP B 69 16.65 -17.85 -10.21
N ASP B 70 17.42 -17.85 -11.30
CA ASP B 70 18.75 -18.47 -11.24
C ASP B 70 19.66 -17.73 -10.27
N GLN B 71 19.53 -16.41 -10.19
CA GLN B 71 20.34 -15.61 -9.27
C GLN B 71 19.85 -15.68 -7.83
N SER B 72 18.58 -16.01 -7.60
CA SER B 72 17.94 -15.83 -6.30
C SER B 72 17.55 -17.11 -5.60
N LEU B 73 17.11 -18.14 -6.31
CA LEU B 73 16.64 -19.36 -5.66
C LEU B 73 17.55 -20.54 -5.98
N GLN B 74 18.80 -20.47 -5.55
CA GLN B 74 19.67 -21.60 -5.82
C GLN B 74 19.47 -22.68 -4.75
N PRO B 75 19.42 -23.94 -5.16
CA PRO B 75 19.21 -25.03 -4.20
C PRO B 75 20.49 -25.41 -3.47
N CYS B 76 20.30 -26.22 -2.42
CA CYS B 76 21.45 -26.79 -1.71
C CYS B 76 22.19 -27.79 -2.58
N VAL B 77 21.45 -28.61 -3.32
CA VAL B 77 22.02 -29.55 -4.26
C VAL B 77 21.23 -29.45 -5.55
N LYS B 78 21.94 -29.40 -6.68
CA LYS B 78 21.33 -29.29 -7.99
C LYS B 78 21.78 -30.48 -8.84
N LEU B 79 20.83 -31.09 -9.55
CA LEU B 79 21.07 -32.25 -10.40
C LEU B 79 20.79 -31.84 -11.84
N THR B 80 21.84 -31.49 -12.59
CA THR B 80 21.67 -30.94 -13.93
C THR B 80 22.79 -31.41 -14.83
N GLY B 81 22.43 -31.98 -15.98
CA GLY B 81 23.39 -32.35 -17.00
C GLY B 81 24.24 -33.56 -16.66
N GLY B 82 23.80 -34.40 -15.72
CA GLY B 82 24.53 -35.58 -15.33
C GLY B 82 25.45 -35.38 -14.14
N SER B 83 25.81 -34.14 -13.82
CA SER B 83 26.66 -33.83 -12.68
C SER B 83 25.82 -33.44 -11.48
N VAL B 84 26.47 -33.33 -10.32
CA VAL B 84 25.83 -32.94 -9.08
C VAL B 84 26.60 -31.75 -8.51
N ILE B 85 25.85 -30.72 -8.10
CA ILE B 85 26.43 -29.47 -7.63
C ILE B 85 25.83 -29.14 -6.28
N LYS B 86 26.66 -29.12 -5.24
CA LYS B 86 26.25 -28.72 -3.91
C LYS B 86 26.79 -27.32 -3.63
N GLN B 87 25.98 -26.51 -2.95
CA GLN B 87 26.38 -25.15 -2.61
C GLN B 87 25.47 -24.64 -1.49
N ALA B 88 25.78 -23.44 -1.01
CA ALA B 88 24.96 -22.83 0.03
C ALA B 88 23.57 -22.54 -0.50
N CYS B 89 22.62 -22.48 0.43
CA CYS B 89 21.20 -22.31 0.10
C CYS B 89 20.52 -21.64 1.27
N PRO B 90 20.84 -20.37 1.53
CA PRO B 90 20.20 -19.66 2.64
C PRO B 90 18.74 -19.37 2.33
N LYS B 91 17.94 -19.23 3.38
CA LYS B 91 16.57 -18.78 3.20
C LYS B 91 16.57 -17.34 2.72
N ILE B 92 15.57 -17.01 1.91
CA ILE B 92 15.50 -15.71 1.26
C ILE B 92 14.19 -15.04 1.61
N SER B 93 14.10 -13.76 1.23
CA SER B 93 12.86 -13.00 1.26
C SER B 93 12.34 -12.95 -0.17
N PHE B 94 11.09 -13.38 -0.37
CA PHE B 94 10.57 -13.66 -1.70
C PHE B 94 9.12 -13.21 -1.79
N ASP B 95 8.87 -12.16 -2.60
CA ASP B 95 7.51 -11.66 -2.82
C ASP B 95 7.46 -10.88 -4.14
N PRO B 96 6.87 -11.45 -5.19
CA PRO B 96 6.95 -10.79 -6.51
C PRO B 96 6.41 -9.37 -6.49
N ILE B 97 7.08 -8.48 -7.23
CA ILE B 97 6.59 -7.12 -7.43
C ILE B 97 6.22 -6.90 -8.90
N PRO B 98 5.42 -5.88 -9.19
CA PRO B 98 5.04 -5.63 -10.59
C PRO B 98 6.23 -5.15 -11.40
N ILE B 99 6.32 -5.64 -12.63
CA ILE B 99 7.36 -5.27 -13.59
C ILE B 99 6.66 -4.76 -14.84
N HIS B 100 7.05 -3.58 -15.31
CA HIS B 100 6.54 -3.06 -16.57
C HIS B 100 7.55 -3.31 -17.69
N TYR B 101 7.04 -3.54 -18.90
CA TYR B 101 7.89 -3.77 -20.06
C TYR B 101 7.67 -2.65 -21.07
N CYS B 102 8.78 -2.13 -21.61
CA CYS B 102 8.84 -0.85 -22.29
C CYS B 102 9.69 -0.96 -23.55
N THR B 103 9.27 -0.26 -24.60
CA THR B 103 9.97 -0.16 -25.88
C THR B 103 10.96 0.99 -25.86
N PRO B 104 12.12 0.81 -26.48
CA PRO B 104 13.10 1.90 -26.60
C PRO B 104 12.70 2.87 -27.71
N ALA B 105 13.50 3.91 -27.86
CA ALA B 105 13.23 4.92 -28.88
C ALA B 105 13.10 4.27 -30.25
N GLY B 106 12.17 4.79 -31.05
CA GLY B 106 11.91 4.25 -32.38
C GLY B 106 10.90 3.13 -32.42
N TYR B 107 10.45 2.63 -31.27
CA TYR B 107 9.45 1.58 -31.19
C TYR B 107 8.32 2.04 -30.28
N VAL B 108 7.24 1.25 -30.26
CA VAL B 108 6.08 1.56 -29.44
C VAL B 108 5.26 0.29 -29.26
N ILE B 109 4.50 0.23 -28.18
CA ILE B 109 3.65 -0.92 -27.88
C ILE B 109 2.22 -0.57 -28.22
N LEU B 110 1.58 -1.41 -29.03
CA LEU B 110 0.16 -1.24 -29.34
C LEU B 110 -0.66 -2.07 -28.37
N LYS B 111 -1.68 -1.47 -27.79
CA LYS B 111 -2.51 -2.09 -26.77
C LYS B 111 -3.92 -2.27 -27.29
N CYS B 112 -4.40 -3.52 -27.31
CA CYS B 112 -5.76 -3.81 -27.72
C CYS B 112 -6.71 -3.59 -26.55
N ASN B 113 -7.79 -2.88 -26.78
CA ASN B 113 -8.73 -2.49 -25.73
C ASN B 113 -10.13 -3.05 -25.94
N ASP B 114 -10.31 -3.95 -26.90
CA ASP B 114 -11.58 -4.67 -27.02
C ASP B 114 -11.84 -5.45 -25.74
N LYS B 115 -12.99 -5.18 -25.11
CA LYS B 115 -13.27 -5.80 -23.83
C LYS B 115 -13.70 -7.26 -23.94
N ASN B 116 -13.70 -7.84 -25.14
CA ASN B 116 -13.90 -9.27 -25.33
C ASN B 116 -12.83 -9.87 -26.24
N PHE B 117 -11.66 -9.23 -26.30
CA PHE B 117 -10.57 -9.74 -27.13
C PHE B 117 -10.11 -11.09 -26.60
N ASN B 118 -10.06 -12.07 -27.49
CA ASN B 118 -9.67 -13.42 -27.11
C ASN B 118 -8.18 -13.68 -27.27
N GLY B 119 -7.41 -12.71 -27.74
CA GLY B 119 -5.97 -12.86 -27.86
C GLY B 119 -5.47 -13.26 -29.24
N THR B 120 -6.35 -13.37 -30.22
CA THR B 120 -5.97 -13.71 -31.59
C THR B 120 -6.95 -13.07 -32.55
N GLY B 121 -6.43 -12.44 -33.60
CA GLY B 121 -7.27 -11.80 -34.59
C GLY B 121 -7.17 -10.29 -34.53
N PRO B 122 -7.99 -9.61 -35.32
CA PRO B 122 -7.94 -8.14 -35.37
C PRO B 122 -8.48 -7.52 -34.09
N CYS B 123 -8.27 -6.21 -33.98
CA CYS B 123 -8.72 -5.45 -32.81
C CYS B 123 -9.04 -4.03 -33.25
N LYS B 124 -10.17 -3.52 -32.78
CA LYS B 124 -10.73 -2.25 -33.25
C LYS B 124 -10.35 -1.06 -32.38
N ASN B 125 -10.32 -1.24 -31.07
CA ASN B 125 -10.01 -0.16 -30.12
C ASN B 125 -8.53 -0.29 -29.75
N VAL B 126 -7.67 0.35 -30.53
CA VAL B 126 -6.22 0.23 -30.37
C VAL B 126 -5.65 1.53 -29.86
N SER B 127 -4.71 1.44 -28.92
CA SER B 127 -3.94 2.57 -28.45
C SER B 127 -2.47 2.19 -28.43
N SER B 128 -1.61 3.21 -28.34
CA SER B 128 -0.17 3.00 -28.24
C SER B 128 0.31 3.48 -26.88
N VAL B 129 1.33 2.79 -26.36
CA VAL B 129 1.87 3.08 -25.04
C VAL B 129 3.35 2.74 -25.05
N GLN B 130 4.10 3.36 -24.13
CA GLN B 130 5.51 3.05 -23.99
C GLN B 130 5.75 1.79 -23.16
N CYS B 131 4.86 1.48 -22.22
CA CYS B 131 5.09 0.37 -21.31
C CYS B 131 3.78 -0.39 -21.11
N THR B 132 3.90 -1.66 -20.77
CA THR B 132 2.76 -2.45 -20.32
C THR B 132 2.37 -2.03 -18.90
N HIS B 133 1.20 -2.49 -18.48
CA HIS B 133 0.86 -2.40 -17.07
C HIS B 133 1.86 -3.23 -16.26
N GLY B 134 1.78 -3.08 -14.93
CA GLY B 134 2.71 -3.76 -14.04
C GLY B 134 2.32 -5.20 -13.83
N ILE B 135 3.26 -6.11 -14.10
CA ILE B 135 3.00 -7.55 -14.12
C ILE B 135 3.85 -8.22 -13.05
N LYS B 136 3.20 -8.90 -12.10
CA LYS B 136 3.91 -9.69 -11.11
C LYS B 136 4.32 -11.03 -11.71
N PRO B 137 5.61 -11.39 -11.69
CA PRO B 137 6.03 -12.67 -12.32
C PRO B 137 5.81 -13.87 -11.41
N VAL B 138 4.53 -14.23 -11.24
CA VAL B 138 4.15 -15.33 -10.36
C VAL B 138 4.25 -16.65 -11.12
N VAL B 139 5.09 -17.55 -10.62
CA VAL B 139 5.27 -18.88 -11.22
C VAL B 139 4.32 -19.84 -10.54
N SER B 140 3.35 -20.35 -11.29
CA SER B 140 2.39 -21.32 -10.74
C SER B 140 1.96 -22.27 -11.84
N THR B 141 1.32 -23.37 -11.42
CA THR B 141 0.62 -24.28 -12.32
C THR B 141 -0.87 -24.33 -11.96
N GLN B 142 -1.66 -24.82 -12.91
CA GLN B 142 -3.10 -24.99 -12.74
C GLN B 142 -3.83 -23.68 -12.54
N LEU B 143 -3.46 -22.91 -11.51
CA LEU B 143 -4.16 -21.67 -11.19
C LEU B 143 -3.24 -20.48 -11.39
N LEU B 144 -3.77 -19.44 -12.03
CA LEU B 144 -3.06 -18.19 -12.21
C LEU B 144 -3.41 -17.24 -11.07
N LEU B 145 -2.40 -16.72 -10.40
CA LEU B 145 -2.53 -16.03 -9.13
C LEU B 145 -2.12 -14.57 -9.27
N ASN B 146 -2.91 -13.67 -8.66
CA ASN B 146 -2.49 -12.29 -8.50
C ASN B 146 -2.34 -11.55 -9.84
N GLY B 147 -3.12 -11.92 -10.85
CA GLY B 147 -3.04 -11.32 -12.15
C GLY B 147 -4.16 -10.31 -12.39
N SER B 148 -4.36 -9.98 -13.66
CA SER B 148 -5.44 -9.07 -14.07
C SER B 148 -6.69 -9.85 -14.45
N LEU B 149 -7.85 -9.24 -14.20
CA LEU B 149 -9.13 -9.85 -14.50
C LEU B 149 -9.66 -9.34 -15.84
N ALA B 150 -10.41 -10.20 -16.53
CA ALA B 150 -11.11 -9.79 -17.73
C ALA B 150 -12.18 -8.75 -17.38
N GLU B 151 -12.25 -7.68 -18.18
CA GLU B 151 -13.08 -6.54 -17.80
C GLU B 151 -14.56 -6.81 -17.99
N GLU B 152 -14.93 -7.68 -18.94
CA GLU B 152 -16.34 -7.87 -19.28
C GLU B 152 -16.74 -9.30 -19.01
N GLU B 153 -16.80 -10.16 -20.02
CA GLU B 153 -17.19 -11.54 -19.84
C GLU B 153 -15.95 -12.42 -19.64
N ILE B 154 -16.17 -13.64 -19.16
CA ILE B 154 -15.09 -14.60 -19.03
C ILE B 154 -14.57 -14.97 -20.41
N ILE B 155 -13.24 -14.99 -20.55
CA ILE B 155 -12.59 -15.15 -21.84
C ILE B 155 -11.90 -16.51 -21.90
N ILE B 156 -12.05 -17.19 -23.03
CA ILE B 156 -11.34 -18.44 -23.32
C ILE B 156 -10.29 -18.14 -24.38
N ARG B 157 -9.03 -18.48 -24.09
CA ARG B 157 -7.92 -18.20 -24.98
C ARG B 157 -7.23 -19.50 -25.37
N SER B 158 -7.05 -19.70 -26.67
CA SER B 158 -6.36 -20.89 -27.16
C SER B 158 -5.80 -20.59 -28.54
N GLU B 159 -4.59 -21.11 -28.80
CA GLU B 159 -4.01 -20.97 -30.14
C GLU B 159 -4.85 -21.69 -31.18
N ASN B 160 -5.46 -22.82 -30.80
CA ASN B 160 -6.32 -23.58 -31.71
C ASN B 160 -7.26 -24.40 -30.82
N LEU B 161 -8.42 -23.83 -30.53
CA LEU B 161 -9.33 -24.42 -29.54
C LEU B 161 -9.76 -25.83 -29.90
N THR B 162 -9.68 -26.21 -31.18
CA THR B 162 -10.02 -27.58 -31.55
C THR B 162 -8.88 -28.54 -31.27
N ASN B 163 -7.63 -28.09 -31.44
CA ASN B 163 -6.46 -28.93 -31.15
C ASN B 163 -6.35 -29.13 -29.65
N ASN B 164 -6.69 -30.33 -29.18
CA ASN B 164 -6.67 -30.61 -27.74
C ASN B 164 -5.25 -30.74 -27.19
N ALA B 165 -4.22 -30.57 -28.01
CA ALA B 165 -2.85 -30.49 -27.54
C ALA B 165 -2.44 -29.06 -27.18
N LYS B 166 -3.30 -28.07 -27.45
CA LYS B 166 -3.01 -26.70 -27.14
C LYS B 166 -3.61 -26.32 -25.79
N THR B 167 -2.89 -25.49 -25.05
CA THR B 167 -3.31 -25.10 -23.71
C THR B 167 -4.48 -24.11 -23.76
N ILE B 168 -5.37 -24.21 -22.78
CA ILE B 168 -6.49 -23.29 -22.63
C ILE B 168 -6.22 -22.39 -21.44
N ILE B 169 -6.36 -21.09 -21.65
CA ILE B 169 -6.24 -20.08 -20.60
C ILE B 169 -7.62 -19.50 -20.37
N VAL B 170 -8.18 -19.73 -19.20
CA VAL B 170 -9.43 -19.11 -18.80
C VAL B 170 -9.10 -17.81 -18.09
N HIS B 171 -9.63 -16.69 -18.61
CA HIS B 171 -9.47 -15.39 -17.99
C HIS B 171 -10.75 -15.07 -17.22
N LEU B 172 -10.66 -15.06 -15.90
CA LEU B 172 -11.82 -14.78 -15.07
C LEU B 172 -12.10 -13.27 -15.02
N ASN B 173 -13.36 -12.94 -14.74
CA ASN B 173 -13.75 -11.55 -14.55
C ASN B 173 -14.09 -11.25 -13.10
N LYS B 174 -13.83 -12.19 -12.18
CA LYS B 174 -14.04 -11.96 -10.75
C LYS B 174 -13.11 -12.89 -9.99
N SER B 175 -12.28 -12.32 -9.12
CA SER B 175 -11.30 -13.10 -8.40
C SER B 175 -11.95 -13.98 -7.35
N VAL B 176 -11.31 -15.11 -7.07
CA VAL B 176 -11.64 -15.96 -5.94
C VAL B 176 -10.38 -16.06 -5.09
N GLU B 177 -10.47 -15.62 -3.84
CA GLU B 177 -9.33 -15.72 -2.94
C GLU B 177 -9.00 -17.17 -2.68
N ILE B 178 -7.70 -17.47 -2.63
CA ILE B 178 -7.19 -18.74 -2.16
C ILE B 178 -6.21 -18.42 -1.04
N ASN B 179 -6.51 -18.89 0.17
CA ASN B 179 -5.77 -18.54 1.38
C ASN B 179 -5.02 -19.80 1.85
N CYS B 180 -3.71 -19.81 1.66
CA CYS B 180 -2.87 -20.97 1.87
C CYS B 180 -1.97 -20.77 3.09
N THR B 181 -1.96 -21.75 3.99
CA THR B 181 -1.24 -21.59 5.25
C THR B 181 -0.49 -22.87 5.59
N ARG B 182 0.78 -22.73 5.97
CA ARG B 182 1.45 -23.72 6.77
C ARG B 182 1.38 -23.23 8.21
N PRO B 183 0.49 -23.76 9.04
CA PRO B 183 0.31 -23.21 10.39
C PRO B 183 1.58 -23.31 11.21
N SER B 184 1.64 -22.47 12.25
CA SER B 184 2.82 -22.47 13.13
C SER B 184 2.90 -23.75 13.95
N ASN B 185 1.76 -24.32 14.33
CA ASN B 185 1.76 -25.56 15.12
C ASN B 185 0.62 -26.49 14.71
N GLY B 192 4.04 -31.70 14.89
CA GLY B 192 3.53 -32.32 13.68
C GLY B 192 4.43 -32.15 12.47
N ASP B 193 3.88 -32.43 11.29
CA ASP B 193 4.65 -32.40 10.05
C ASP B 193 4.85 -30.96 9.59
N ILE B 194 6.12 -30.54 9.51
CA ILE B 194 6.45 -29.20 9.07
C ILE B 194 6.12 -28.94 7.60
N ARG B 195 5.71 -29.96 6.85
CA ARG B 195 5.45 -29.82 5.43
C ARG B 195 3.98 -29.89 5.07
N LYS B 196 3.09 -30.10 6.04
CA LYS B 196 1.67 -30.12 5.77
C LYS B 196 1.12 -28.70 5.78
N ALA B 197 0.33 -28.38 4.77
CA ALA B 197 -0.29 -27.06 4.66
C ALA B 197 -1.67 -27.26 4.07
N TYR B 198 -2.40 -26.15 3.95
CA TYR B 198 -3.73 -26.21 3.37
C TYR B 198 -4.05 -24.88 2.71
N CYS B 199 -4.97 -24.93 1.76
CA CYS B 199 -5.48 -23.75 1.07
C CYS B 199 -6.98 -23.71 1.25
N GLU B 200 -7.50 -22.57 1.70
CA GLU B 200 -8.92 -22.40 1.93
C GLU B 200 -9.52 -21.55 0.81
N ILE B 201 -10.61 -22.02 0.23
CA ILE B 201 -11.36 -21.27 -0.76
C ILE B 201 -12.82 -21.27 -0.34
N ASN B 202 -13.53 -20.21 -0.72
CA ASN B 202 -14.96 -20.10 -0.47
C ASN B 202 -15.71 -20.87 -1.54
N GLY B 203 -16.29 -22.01 -1.17
CA GLY B 203 -17.00 -22.82 -2.15
C GLY B 203 -18.09 -22.05 -2.87
N THR B 204 -18.84 -21.23 -2.14
CA THR B 204 -19.91 -20.45 -2.76
C THR B 204 -19.37 -19.62 -3.91
N LYS B 205 -18.29 -18.86 -3.68
CA LYS B 205 -17.71 -18.06 -4.74
C LYS B 205 -17.11 -18.93 -5.83
N TRP B 206 -16.26 -19.88 -5.44
CA TRP B 206 -15.57 -20.70 -6.42
C TRP B 206 -16.53 -21.52 -7.26
N ASN B 207 -17.52 -22.15 -6.61
CA ASN B 207 -18.44 -23.01 -7.35
C ASN B 207 -19.30 -22.21 -8.32
N LYS B 208 -19.64 -20.96 -7.99
CA LYS B 208 -20.40 -20.15 -8.94
C LYS B 208 -19.56 -19.77 -10.15
N VAL B 209 -18.32 -19.33 -9.90
CA VAL B 209 -17.43 -18.96 -11.01
C VAL B 209 -17.18 -20.16 -11.91
N LEU B 210 -16.89 -21.31 -11.30
CA LEU B 210 -16.63 -22.52 -12.08
C LEU B 210 -17.85 -22.92 -12.91
N LYS B 211 -19.05 -22.60 -12.43
CA LYS B 211 -20.23 -22.79 -13.26
C LYS B 211 -20.26 -21.78 -14.41
N GLN B 212 -19.93 -20.51 -14.12
CA GLN B 212 -19.82 -19.51 -15.17
C GLN B 212 -18.77 -19.89 -16.20
N VAL B 213 -17.73 -20.64 -15.78
CA VAL B 213 -16.74 -21.11 -16.73
C VAL B 213 -17.30 -22.24 -17.58
N THR B 214 -18.05 -23.17 -16.95
CA THR B 214 -18.70 -24.23 -17.69
C THR B 214 -19.56 -23.70 -18.82
N GLU B 215 -20.17 -22.52 -18.63
CA GLU B 215 -21.06 -21.97 -19.65
C GLU B 215 -20.28 -21.41 -20.83
N LYS B 216 -19.24 -20.63 -20.57
CA LYS B 216 -18.43 -20.09 -21.67
C LYS B 216 -17.87 -21.22 -22.52
N LEU B 217 -17.43 -22.31 -21.88
CA LEU B 217 -16.88 -23.43 -22.64
C LEU B 217 -17.95 -24.04 -23.55
N LYS B 218 -19.19 -24.10 -23.09
CA LYS B 218 -20.28 -24.57 -23.94
C LYS B 218 -20.42 -23.69 -25.17
N GLU B 219 -20.34 -22.37 -25.01
CA GLU B 219 -20.44 -21.47 -26.14
C GLU B 219 -19.48 -21.85 -27.25
N HIS B 220 -18.30 -22.37 -26.90
CA HIS B 220 -17.30 -22.75 -27.87
C HIS B 220 -17.30 -24.23 -28.20
N PHE B 221 -17.98 -25.05 -27.40
CA PHE B 221 -18.02 -26.49 -27.63
C PHE B 221 -19.44 -26.98 -27.86
N ASN B 222 -20.22 -26.16 -28.58
CA ASN B 222 -21.46 -26.61 -29.22
C ASN B 222 -22.42 -27.24 -28.21
N ASN B 223 -22.64 -26.53 -27.11
CA ASN B 223 -23.58 -26.93 -26.06
C ASN B 223 -23.35 -28.34 -25.54
N LYS B 224 -22.26 -28.99 -25.93
CA LYS B 224 -21.94 -30.30 -25.40
C LYS B 224 -21.78 -30.22 -23.87
N THR B 225 -21.69 -31.39 -23.25
CA THR B 225 -21.58 -31.45 -21.80
C THR B 225 -20.12 -31.27 -21.38
N ILE B 226 -19.88 -30.28 -20.52
CA ILE B 226 -18.53 -29.94 -20.07
C ILE B 226 -18.26 -30.66 -18.75
N ILE B 227 -17.19 -31.46 -18.72
CA ILE B 227 -16.84 -32.24 -17.53
C ILE B 227 -15.45 -31.80 -17.06
N PHE B 228 -15.28 -31.76 -15.74
CA PHE B 228 -13.97 -31.52 -15.13
C PHE B 228 -13.51 -32.79 -14.41
N GLN B 229 -12.23 -33.11 -14.58
CA GLN B 229 -11.61 -34.23 -13.90
C GLN B 229 -10.18 -33.86 -13.55
N PRO B 230 -9.66 -34.32 -12.41
CA PRO B 230 -8.28 -34.03 -12.05
C PRO B 230 -7.31 -34.54 -13.10
N PRO B 231 -6.04 -34.12 -13.04
CA PRO B 231 -5.09 -34.47 -14.10
C PRO B 231 -4.84 -35.97 -14.15
N SER B 232 -4.89 -36.54 -15.37
CA SER B 232 -4.78 -37.98 -15.53
C SER B 232 -3.43 -38.52 -15.07
N GLY B 233 -2.39 -37.71 -15.06
CA GLY B 233 -1.09 -38.15 -14.59
C GLY B 233 0.01 -37.23 -15.04
N GLY B 234 1.20 -37.47 -14.49
CA GLY B 234 2.38 -36.71 -14.83
C GLY B 234 3.16 -36.36 -13.59
N ASP B 235 4.11 -35.45 -13.76
CA ASP B 235 4.89 -34.96 -12.61
C ASP B 235 4.01 -34.17 -11.66
N LEU B 236 4.42 -34.14 -10.38
CA LEU B 236 3.63 -33.47 -9.35
C LEU B 236 3.34 -32.03 -9.72
N GLU B 237 4.33 -31.33 -10.29
CA GLU B 237 4.14 -29.92 -10.56
C GLU B 237 2.96 -29.65 -11.47
N ILE B 238 2.55 -30.63 -12.27
CA ILE B 238 1.45 -30.46 -13.21
C ILE B 238 0.16 -31.13 -12.73
N THR B 239 0.26 -32.19 -11.93
CA THR B 239 -0.93 -32.83 -11.38
C THR B 239 -1.45 -32.09 -10.16
N MET B 240 -0.65 -31.22 -9.57
CA MET B 240 -1.05 -30.40 -8.44
C MET B 240 -0.87 -28.93 -8.80
N HIS B 241 -1.63 -28.09 -8.12
CA HIS B 241 -1.43 -26.64 -8.18
C HIS B 241 -0.17 -26.29 -7.39
N SER B 242 0.90 -25.94 -8.07
CA SER B 242 2.17 -25.65 -7.43
C SER B 242 2.54 -24.19 -7.60
N PHE B 243 3.26 -23.67 -6.61
CA PHE B 243 3.61 -22.26 -6.55
C PHE B 243 4.61 -22.10 -5.42
N ASN B 244 5.17 -20.90 -5.32
CA ASN B 244 6.16 -20.58 -4.32
C ASN B 244 5.58 -19.54 -3.37
N CYS B 245 5.68 -19.81 -2.07
CA CYS B 245 5.11 -18.94 -1.04
C CYS B 245 6.22 -18.64 -0.05
N ARG B 246 6.62 -17.37 0.03
CA ARG B 246 7.69 -16.93 0.92
C ARG B 246 8.97 -17.71 0.69
N GLY B 247 9.20 -18.14 -0.55
CA GLY B 247 10.39 -18.91 -0.88
C GLY B 247 10.23 -20.42 -0.75
N GLU B 248 9.09 -20.89 -0.27
CA GLU B 248 8.82 -22.31 -0.11
C GLU B 248 7.98 -22.81 -1.28
N PHE B 249 8.25 -24.04 -1.72
CA PHE B 249 7.54 -24.63 -2.85
C PHE B 249 6.32 -25.39 -2.33
N PHE B 250 5.14 -24.82 -2.51
CA PHE B 250 3.87 -25.44 -2.11
C PHE B 250 3.34 -26.32 -3.23
N TYR B 251 2.82 -27.50 -2.84
CA TYR B 251 2.15 -28.42 -3.75
C TYR B 251 0.78 -28.75 -3.15
N CYS B 252 -0.29 -28.49 -3.90
CA CYS B 252 -1.64 -28.52 -3.35
C CYS B 252 -2.54 -29.36 -4.25
N ASN B 253 -3.14 -30.39 -3.65
CA ASN B 253 -4.09 -31.24 -4.36
C ASN B 253 -5.38 -30.46 -4.62
N THR B 254 -5.75 -30.34 -5.89
CA THR B 254 -6.95 -29.60 -6.27
C THR B 254 -8.12 -30.51 -6.65
N THR B 255 -8.10 -31.78 -6.20
CA THR B 255 -9.20 -32.68 -6.52
C THR B 255 -10.54 -32.06 -6.18
N GLN B 256 -10.63 -31.37 -5.04
CA GLN B 256 -11.90 -30.86 -4.56
C GLN B 256 -12.42 -29.64 -5.32
N LEU B 257 -11.55 -28.98 -6.10
CA LEU B 257 -11.97 -27.81 -6.86
C LEU B 257 -12.57 -28.17 -8.21
N PHE B 258 -12.28 -29.35 -8.75
CA PHE B 258 -12.74 -29.72 -10.08
C PHE B 258 -13.57 -30.99 -10.02
N ASN B 259 -14.62 -30.96 -9.19
CA ASN B 259 -15.60 -32.03 -9.09
C ASN B 259 -16.95 -31.45 -9.51
N ASN B 260 -17.49 -31.96 -10.62
CA ASN B 260 -18.76 -31.49 -11.15
C ASN B 260 -19.88 -31.72 -10.15
N THR B 261 -19.53 -32.26 -8.98
CA THR B 261 -20.51 -32.50 -7.92
C THR B 261 -21.29 -31.24 -7.58
N CYS B 262 -20.58 -30.13 -7.33
CA CYS B 262 -21.20 -28.92 -6.81
C CYS B 262 -21.33 -27.82 -7.87
N ILE B 263 -21.29 -28.19 -9.15
CA ILE B 263 -21.62 -27.25 -10.22
C ILE B 263 -23.09 -27.43 -10.56
N CYS B 271 -22.34 -26.54 -4.12
CA CYS B 271 -22.36 -26.57 -2.67
C CYS B 271 -21.42 -25.51 -2.09
N ASN B 272 -21.78 -24.98 -0.93
CA ASN B 272 -21.05 -23.90 -0.30
C ASN B 272 -20.10 -24.44 0.76
N GLY B 273 -19.73 -23.60 1.72
CA GLY B 273 -18.78 -23.96 2.75
C GLY B 273 -17.35 -23.73 2.31
N THR B 274 -16.44 -23.84 3.28
CA THR B 274 -15.02 -23.63 3.03
C THR B 274 -14.40 -24.90 2.47
N ILE B 275 -13.86 -24.80 1.25
CA ILE B 275 -13.09 -25.88 0.63
C ILE B 275 -11.67 -25.83 1.17
N THR B 276 -11.25 -26.90 1.82
CA THR B 276 -9.88 -27.02 2.33
C THR B 276 -9.12 -28.00 1.44
N LEU B 277 -8.10 -27.50 0.77
CA LEU B 277 -7.22 -28.33 -0.04
C LEU B 277 -6.01 -28.73 0.77
N PRO B 278 -5.61 -30.00 0.76
CA PRO B 278 -4.36 -30.38 1.42
C PRO B 278 -3.18 -30.03 0.54
N CYS B 279 -2.07 -29.65 1.21
CA CYS B 279 -0.88 -29.18 0.52
C CYS B 279 0.36 -29.74 1.21
N LYS B 280 1.43 -29.81 0.45
CA LYS B 280 2.75 -30.16 0.98
C LYS B 280 3.79 -29.14 0.56
N ILE B 281 4.69 -28.83 1.47
CA ILE B 281 5.89 -28.06 1.16
C ILE B 281 6.98 -29.04 0.76
N LYS B 282 7.30 -29.10 -0.53
CA LYS B 282 8.24 -30.09 -1.06
C LYS B 282 9.65 -29.50 -1.11
N GLN B 283 10.61 -30.28 -0.62
CA GLN B 283 12.02 -29.90 -0.73
C GLN B 283 12.64 -30.33 -2.05
N ILE B 284 12.16 -31.43 -2.63
CA ILE B 284 12.68 -31.94 -3.89
C ILE B 284 11.75 -31.49 -5.01
N ILE B 285 12.31 -30.80 -6.01
CA ILE B 285 11.53 -30.13 -7.03
C ILE B 285 12.10 -30.44 -8.41
N ASN B 286 11.20 -30.48 -9.40
CA ASN B 286 11.60 -30.38 -10.80
C ASN B 286 11.57 -28.91 -11.22
N MET B 287 12.69 -28.43 -11.73
CA MET B 287 12.84 -27.00 -11.99
C MET B 287 12.12 -26.60 -13.26
N TRP B 288 11.19 -25.65 -13.16
CA TRP B 288 10.46 -25.21 -14.34
C TRP B 288 11.38 -24.63 -15.41
N GLN B 289 12.60 -24.24 -15.05
CA GLN B 289 13.56 -23.78 -16.06
C GLN B 289 14.05 -24.91 -16.96
N GLY B 290 13.61 -26.15 -16.75
CA GLY B 290 14.01 -27.25 -17.59
C GLY B 290 15.42 -27.76 -17.36
N THR B 291 16.02 -27.40 -16.23
CA THR B 291 17.40 -27.78 -15.92
C THR B 291 17.49 -29.04 -15.07
N GLY B 292 16.36 -29.70 -14.80
CA GLY B 292 16.38 -30.92 -14.02
C GLY B 292 15.73 -30.84 -12.65
N GLN B 293 16.39 -31.44 -11.66
CA GLN B 293 15.85 -31.65 -10.34
C GLN B 293 16.69 -30.91 -9.31
N ALA B 294 16.06 -30.45 -8.24
CA ALA B 294 16.76 -29.65 -7.24
C ALA B 294 16.21 -29.90 -5.85
N MET B 295 17.07 -29.74 -4.85
CA MET B 295 16.70 -29.92 -3.44
C MET B 295 17.02 -28.67 -2.64
N TYR B 296 16.02 -28.17 -1.92
CA TYR B 296 16.14 -27.00 -1.05
C TYR B 296 16.11 -27.44 0.41
N ALA B 297 16.24 -26.47 1.30
CA ALA B 297 16.26 -26.76 2.73
C ALA B 297 14.84 -26.86 3.28
N PRO B 298 14.69 -27.49 4.44
CA PRO B 298 13.35 -27.62 5.05
C PRO B 298 12.69 -26.27 5.24
N PRO B 299 11.40 -26.26 5.55
CA PRO B 299 10.67 -24.98 5.61
C PRO B 299 11.13 -24.11 6.76
N ILE B 300 10.93 -22.80 6.59
CA ILE B 300 11.21 -21.86 7.68
C ILE B 300 10.23 -22.11 8.84
N ASP B 301 10.60 -21.60 10.01
CA ASP B 301 9.75 -21.73 11.19
C ASP B 301 8.57 -20.78 11.11
N GLY B 302 7.56 -21.04 11.95
CA GLY B 302 6.46 -20.12 12.12
C GLY B 302 5.36 -20.28 11.08
N LYS B 303 4.37 -19.41 11.21
CA LYS B 303 3.26 -19.41 10.27
C LYS B 303 3.72 -18.92 8.90
N ILE B 304 3.37 -19.65 7.86
CA ILE B 304 3.65 -19.29 6.48
C ILE B 304 2.31 -19.16 5.77
N ASN B 305 2.04 -17.99 5.21
CA ASN B 305 0.72 -17.73 4.65
C ASN B 305 0.82 -16.89 3.39
N CYS B 306 0.08 -17.29 2.36
CA CYS B 306 -0.05 -16.52 1.13
C CYS B 306 -1.51 -16.50 0.75
N VAL B 307 -2.12 -15.32 0.72
CA VAL B 307 -3.47 -15.13 0.22
C VAL B 307 -3.35 -14.52 -1.16
N SER B 308 -3.86 -15.23 -2.18
CA SER B 308 -3.78 -14.76 -3.55
C SER B 308 -5.18 -14.67 -4.15
N ASN B 309 -5.28 -13.88 -5.21
CA ASN B 309 -6.47 -13.85 -6.06
C ASN B 309 -6.30 -14.85 -7.20
N ILE B 310 -7.19 -15.84 -7.28
CA ILE B 310 -7.27 -16.65 -8.48
C ILE B 310 -7.89 -15.79 -9.58
N THR B 311 -7.11 -15.54 -10.63
CA THR B 311 -7.54 -14.72 -11.75
C THR B 311 -7.60 -15.46 -13.07
N GLY B 312 -7.16 -16.72 -13.09
CA GLY B 312 -7.16 -17.50 -14.31
C GLY B 312 -7.00 -18.97 -14.01
N ILE B 313 -7.28 -19.78 -15.02
CA ILE B 313 -7.16 -21.23 -14.92
C ILE B 313 -6.53 -21.76 -16.20
N LEU B 314 -5.57 -22.66 -16.05
CA LEU B 314 -4.94 -23.35 -17.17
C LEU B 314 -5.62 -24.70 -17.35
N LEU B 315 -6.17 -24.94 -18.53
CA LEU B 315 -6.90 -26.17 -18.82
C LEU B 315 -6.34 -26.86 -20.06
N THR B 316 -6.35 -28.19 -20.03
CA THR B 316 -6.06 -29.02 -21.19
C THR B 316 -7.28 -29.90 -21.45
N ARG B 317 -7.71 -29.96 -22.71
CA ARG B 317 -8.91 -30.70 -23.08
C ARG B 317 -8.56 -32.09 -23.57
N ASP B 318 -9.52 -33.00 -23.43
CA ASP B 318 -9.34 -34.39 -23.85
C ASP B 318 -9.68 -34.56 -25.32
N GLY B 319 -8.88 -35.37 -26.01
CA GLY B 319 -9.18 -35.79 -27.36
C GLY B 319 -9.98 -37.08 -27.37
N GLY B 320 -10.13 -37.64 -28.57
CA GLY B 320 -10.83 -38.89 -28.74
C GLY B 320 -12.29 -38.84 -28.29
N ALA B 321 -12.77 -37.65 -27.96
CA ALA B 321 -14.14 -37.46 -27.50
C ALA B 321 -15.05 -36.87 -28.56
N ASN B 322 -14.54 -36.63 -29.76
CA ASN B 322 -15.36 -36.09 -30.84
C ASN B 322 -16.57 -36.97 -31.17
N ASN B 323 -16.61 -38.20 -30.64
CA ASN B 323 -17.71 -39.11 -30.90
C ASN B 323 -18.82 -39.02 -29.86
N THR B 324 -18.53 -38.47 -28.69
CA THR B 324 -19.47 -38.42 -27.58
C THR B 324 -20.12 -37.03 -27.51
N SER B 325 -20.99 -36.86 -26.52
CA SER B 325 -21.62 -35.57 -26.24
C SER B 325 -20.95 -34.84 -25.09
N ASN B 326 -19.68 -35.16 -24.80
CA ASN B 326 -18.99 -34.60 -23.65
C ASN B 326 -17.57 -34.20 -24.04
N GLU B 327 -17.05 -33.22 -23.32
CA GLU B 327 -15.65 -32.81 -23.42
C GLU B 327 -15.10 -32.66 -22.01
N THR B 328 -14.02 -33.35 -21.72
CA THR B 328 -13.44 -33.37 -20.38
C THR B 328 -12.23 -32.44 -20.32
N PHE B 329 -12.31 -31.42 -19.47
CA PHE B 329 -11.22 -30.48 -19.27
C PHE B 329 -10.55 -30.75 -17.94
N ARG B 330 -9.22 -30.64 -17.91
CA ARG B 330 -8.44 -30.92 -16.73
C ARG B 330 -7.44 -29.79 -16.50
N PRO B 331 -7.18 -29.43 -15.25
CA PRO B 331 -6.21 -28.35 -14.98
C PRO B 331 -4.81 -28.78 -15.38
N GLY B 332 -4.13 -27.92 -16.13
CA GLY B 332 -2.84 -28.27 -16.68
C GLY B 332 -1.74 -27.31 -16.32
N GLY B 333 -1.08 -26.75 -17.33
CA GLY B 333 0.04 -25.86 -17.11
C GLY B 333 1.37 -26.56 -17.33
N GLY B 334 2.42 -25.91 -16.85
CA GLY B 334 3.78 -26.41 -16.95
C GLY B 334 4.65 -25.62 -17.92
N ASN B 335 4.04 -25.07 -18.98
CA ASN B 335 4.75 -24.13 -19.84
C ASN B 335 4.60 -22.75 -19.21
N ILE B 336 5.57 -22.39 -18.37
CA ILE B 336 5.47 -21.15 -17.61
C ILE B 336 5.34 -19.94 -18.53
N LYS B 337 5.76 -20.07 -19.79
CA LYS B 337 5.50 -19.02 -20.76
C LYS B 337 4.02 -18.68 -20.84
N ASP B 338 3.16 -19.69 -20.66
CA ASP B 338 1.72 -19.45 -20.71
C ASP B 338 1.28 -18.46 -19.62
N ASN B 339 1.92 -18.51 -18.45
CA ASN B 339 1.60 -17.52 -17.42
C ASN B 339 1.79 -16.11 -17.95
N TRP B 340 2.92 -15.86 -18.63
CA TRP B 340 3.16 -14.52 -19.15
C TRP B 340 2.18 -14.18 -20.27
N ARG B 341 1.75 -15.18 -21.05
CA ARG B 341 0.80 -14.91 -22.12
C ARG B 341 -0.54 -14.46 -21.56
N SER B 342 -0.92 -14.94 -20.38
CA SER B 342 -2.19 -14.55 -19.77
C SER B 342 -2.22 -13.06 -19.42
N GLU B 343 -1.07 -12.40 -19.34
CA GLU B 343 -1.01 -10.97 -19.07
C GLU B 343 -0.55 -10.14 -20.26
N LEU B 344 0.22 -10.70 -21.19
CA LEU B 344 0.74 -9.95 -22.33
C LEU B 344 -0.10 -10.10 -23.59
N TYR B 345 -1.27 -10.74 -23.49
CA TYR B 345 -2.06 -11.06 -24.68
C TYR B 345 -2.48 -9.82 -25.44
N LYS B 346 -2.58 -8.65 -24.80
CA LYS B 346 -3.16 -7.46 -25.42
C LYS B 346 -2.12 -6.51 -26.00
N TYR B 347 -0.83 -6.86 -25.94
CA TYR B 347 0.24 -5.97 -26.38
C TYR B 347 1.00 -6.59 -27.54
N LYS B 348 1.58 -5.72 -28.37
CA LYS B 348 2.50 -6.17 -29.42
C LYS B 348 3.35 -4.99 -29.85
N VAL B 349 4.61 -5.27 -30.17
CA VAL B 349 5.59 -4.24 -30.46
C VAL B 349 5.60 -3.95 -31.94
N VAL B 350 5.72 -2.65 -32.28
CA VAL B 350 5.84 -2.20 -33.65
C VAL B 350 6.98 -1.18 -33.71
N GLN B 351 7.55 -1.02 -34.91
CA GLN B 351 8.59 -0.03 -35.15
C GLN B 351 7.98 1.18 -35.87
N ILE B 352 8.38 2.37 -35.45
CA ILE B 352 7.85 3.62 -35.99
C ILE B 352 8.64 4.03 -37.23
N GLU B 353 7.95 4.63 -38.19
CA GLU B 353 8.60 5.20 -39.36
C GLU B 353 8.71 6.72 -39.21
#